data_4IRJ
#
_entry.id   4IRJ
#
_cell.length_a   79.283
_cell.length_b   191.862
_cell.length_c   151.598
_cell.angle_alpha   90.00
_cell.angle_beta   90.00
_cell.angle_gamma   90.00
#
_symmetry.space_group_name_H-M   'C 2 2 21'
#
loop_
_entity.id
_entity.type
_entity.pdbx_description
1 polymer 'Antigen-presenting glycoprotein CD1d1'
2 polymer Beta-2-microglobulin
3 polymer 'Valpha14 (mouse variable domain, human constant domain)'
4 polymer 'Vbeta8.2 (mouse variable domain, human constant domain)'
5 branched 2-acetamido-2-deoxy-beta-D-glucopyranose-(1-4)-[alpha-L-fucopyranose-(1-6)]2-acetamido-2-deoxy-beta-D-glucopyranose
6 non-polymer 2-acetamido-2-deoxy-beta-D-glucopyranose
7 non-polymer N-[(2S,3S,4R)-1-({6-O-[(4-chlorophenyl)carbamoyl]-alpha-D-galactopyranosyl}oxy)-3,4-dihydroxyoctadecan-2-yl]hexacosanamide
8 water water
#
loop_
_entity_poly.entity_id
_entity_poly.type
_entity_poly.pdbx_seq_one_letter_code
_entity_poly.pdbx_strand_id
1 'polypeptide(L)'
;SEAQQKNYTFRCLQMSSFANRSWSRTDSVVWLGDLQTHRWSNDSATISFTKPWSQGKLSNQQWEKLQHMFQVYRVSFTRD
IQELVKMMSPKEDYPIEIQLSAGCEMYPGNASESFLHVAFQGKYVVRFWGTSWQTVPGAPSWLDLPIKVLNADQGTSATV
QMLLNDTCPLFVRGLLEAGKSDLEKQEKPVAWLSSVPSSAHGHRQLVCHVSGFYPKPVWVMWMRGDQEQQGTHRGDFLPN
ADETWYLQATLDVEAGEEAGLACRVKHSSLGGQDIILYWHHHHHH
;
A
2 'polypeptide(L)'
;IQKTPQIQVYSRHPPENGKPNILNCYVTQFHPPHIEIQMLKNGKKIPKVEMSDMSFSKDWSFYILAHTEFTPTETDTYAC
RVKHASMAEPKTVYWDRDM
;
B
3 'polypeptide(L)'
;MKTQVEQSPQSLVVRQGENCVLQCNYSVTPDNHLRWFKQDTGKGLVSLTVLVDQKDKTSNGRYSATLDKDAKHSTLHITA
TLLDDTATYICVVGDRGSALGRLHFGAGTQLIVIPDIQNPDPAVYQLRDSKSSDKSVCLFTDFDSQTNVSQSKDSDVYIT
DKCVLDMRSMDFKSNSAVAWSNKSDFACANAFNNSIIPEDTFFPSPESS
;
C
4 'polypeptide(L)'
;MEAAVTQSPRNKVAVTGGKVTLSCNQTNNHNNMYWYRQDTGHGLRLIHYSYGAGSTEKGDIPDGYKASRPSQENFSLILE
LATPSQTSVYFCASGDEGYTQYFGPGTRLLVLEDLRNVTPPKVSLFEPSKAEISHTQKATLVCLATGFYPDHVELSWWVN
GKEVHSGVCTDPQPLKEQPALNDSRYSLSSRLRVSATFWQNPRNHFRCQVQFYGLSENDEWTQDRAKPVTQIVSAEAWGR
A
;
D
#
# COMPACT_ATOMS: atom_id res chain seq x y z
N ASN A 7 -28.21 -32.89 -1.36
CA ASN A 7 -27.78 -31.68 -2.11
C ASN A 7 -27.29 -30.56 -1.18
N TYR A 8 -26.04 -30.66 -0.76
CA TYR A 8 -25.54 -29.78 0.31
C TYR A 8 -24.93 -28.47 -0.18
N THR A 9 -25.24 -27.39 0.55
CA THR A 9 -24.74 -26.06 0.26
C THR A 9 -23.83 -25.59 1.38
N PHE A 10 -22.59 -25.32 1.00
CA PHE A 10 -21.57 -24.82 1.90
C PHE A 10 -21.52 -23.32 1.72
N ARG A 11 -21.58 -22.59 2.82
CA ARG A 11 -21.68 -21.12 2.82
C ARG A 11 -20.70 -20.49 3.81
N CYS A 12 -19.81 -19.65 3.30
CA CYS A 12 -18.97 -18.82 4.13
C CYS A 12 -19.56 -17.42 4.13
N LEU A 13 -20.26 -17.08 5.21
CA LEU A 13 -20.90 -15.78 5.30
C LEU A 13 -20.02 -14.79 6.05
N GLN A 14 -19.72 -13.67 5.39
CA GLN A 14 -18.91 -12.62 5.99
C GLN A 14 -19.73 -11.33 6.14
N MET A 15 -19.65 -10.71 7.32
CA MET A 15 -20.29 -9.43 7.55
C MET A 15 -19.28 -8.41 8.10
N SER A 16 -19.26 -7.23 7.47
CA SER A 16 -18.31 -6.20 7.82
C SER A 16 -19.02 -4.86 7.94
N SER A 17 -18.69 -4.11 8.99
CA SER A 17 -19.28 -2.80 9.23
C SER A 17 -18.20 -1.74 9.31
N PHE A 18 -18.43 -0.63 8.63
CA PHE A 18 -17.49 0.48 8.66
C PHE A 18 -18.27 1.68 9.18
N ALA A 19 -17.98 2.08 10.42
CA ALA A 19 -18.76 3.11 11.12
C ALA A 19 -18.38 4.50 10.65
N ASN A 20 -17.08 4.72 10.55
CA ASN A 20 -16.48 5.99 10.13
C ASN A 20 -15.12 5.66 9.51
N ARG A 21 -14.34 6.68 9.17
CA ARG A 21 -13.06 6.50 8.47
C ARG A 21 -12.10 5.54 9.19
N SER A 22 -12.35 5.33 10.48
CA SER A 22 -11.37 4.69 11.35
C SER A 22 -11.79 3.30 11.84
N TRP A 23 -12.88 3.25 12.58
CA TRP A 23 -13.39 2.05 13.25
C TRP A 23 -14.06 1.14 12.27
N SER A 24 -13.73 -0.15 12.34
CA SER A 24 -14.40 -1.16 11.53
C SER A 24 -14.25 -2.55 12.12
N ARG A 25 -15.16 -3.46 11.75
CA ARG A 25 -15.06 -4.83 12.21
C ARG A 25 -15.62 -5.83 11.22
N THR A 26 -15.07 -7.04 11.25
CA THR A 26 -15.43 -8.13 10.35
C THR A 26 -15.60 -9.46 11.09
N ASP A 27 -16.79 -10.04 10.97
CA ASP A 27 -17.11 -11.32 11.60
C ASP A 27 -17.62 -12.30 10.55
N SER A 28 -17.35 -13.60 10.75
CA SER A 28 -17.79 -14.63 9.79
C SER A 28 -18.31 -15.93 10.40
N VAL A 29 -19.26 -16.55 9.71
CA VAL A 29 -19.70 -17.89 10.08
C VAL A 29 -19.65 -18.79 8.86
N VAL A 30 -19.70 -20.10 9.08
CA VAL A 30 -19.61 -21.04 7.99
C VAL A 30 -20.67 -22.10 8.20
N TRP A 31 -21.48 -22.34 7.17
CA TRP A 31 -22.57 -23.30 7.23
C TRP A 31 -22.41 -24.39 6.21
N LEU A 32 -22.62 -25.63 6.65
CA LEU A 32 -22.83 -26.76 5.75
C LEU A 32 -24.26 -27.21 5.93
N GLY A 33 -25.06 -27.06 4.88
CA GLY A 33 -26.51 -27.18 5.02
C GLY A 33 -26.94 -26.22 6.12
N ASP A 34 -27.58 -26.74 7.16
CA ASP A 34 -28.04 -25.88 8.24
C ASP A 34 -27.20 -26.00 9.53
N LEU A 35 -26.01 -26.61 9.45
CA LEU A 35 -25.15 -26.75 10.63
C LEU A 35 -23.88 -25.89 10.56
N GLN A 36 -23.67 -25.07 11.58
CA GLN A 36 -22.49 -24.21 11.65
C GLN A 36 -21.21 -25.02 11.86
N THR A 37 -20.21 -24.78 11.03
CA THR A 37 -18.96 -25.53 11.08
C THR A 37 -17.82 -24.66 11.58
N HIS A 38 -17.92 -23.35 11.37
CA HIS A 38 -16.85 -22.42 11.78
C HIS A 38 -17.41 -21.14 12.32
N ARG A 39 -16.54 -20.42 13.02
CA ARG A 39 -16.86 -19.13 13.60
C ARG A 39 -15.57 -18.32 13.56
N TRP A 40 -15.65 -17.08 13.07
CA TRP A 40 -14.48 -16.19 13.06
C TRP A 40 -14.80 -14.79 13.51
N SER A 41 -14.68 -14.58 14.81
CA SER A 41 -14.96 -13.30 15.40
C SER A 41 -13.82 -12.31 15.11
N ASN A 42 -14.18 -11.03 14.93
CA ASN A 42 -13.21 -9.96 14.72
C ASN A 42 -12.10 -10.03 15.76
N ASP A 43 -12.48 -10.38 16.99
CA ASP A 43 -11.55 -10.42 18.14
C ASP A 43 -10.45 -11.47 18.02
N SER A 44 -10.77 -12.61 17.40
CA SER A 44 -9.85 -13.74 17.25
C SER A 44 -8.93 -13.63 16.05
N ALA A 45 -7.71 -14.11 16.21
CA ALA A 45 -6.72 -14.08 15.13
C ALA A 45 -6.78 -15.34 14.26
N THR A 46 -7.57 -16.31 14.70
CA THR A 46 -7.65 -17.62 14.06
C THR A 46 -9.10 -18.04 13.92
N ILE A 47 -9.37 -18.84 12.89
CA ILE A 47 -10.70 -19.37 12.63
C ILE A 47 -11.03 -20.52 13.59
N SER A 48 -12.20 -20.46 14.20
CA SER A 48 -12.62 -21.50 15.15
C SER A 48 -13.42 -22.62 14.49
N PHE A 49 -13.09 -23.86 14.84
CA PHE A 49 -13.93 -25.00 14.51
C PHE A 49 -15.08 -25.02 15.49
N THR A 50 -16.29 -25.17 14.98
CA THR A 50 -17.47 -25.35 15.83
C THR A 50 -17.98 -26.78 15.72
N LYS A 51 -17.18 -27.65 15.09
CA LYS A 51 -17.46 -29.07 14.99
C LYS A 51 -16.14 -29.83 15.01
N PRO A 52 -16.10 -30.99 15.71
CA PRO A 52 -14.90 -31.79 15.78
C PRO A 52 -14.32 -32.16 14.41
N TRP A 53 -15.16 -32.12 13.38
CA TRP A 53 -14.73 -32.45 12.02
C TRP A 53 -14.69 -31.24 11.11
N SER A 54 -14.61 -30.05 11.69
CA SER A 54 -14.61 -28.81 10.90
C SER A 54 -13.46 -28.69 9.90
N GLN A 55 -12.29 -29.19 10.29
CA GLN A 55 -11.10 -29.16 9.46
C GLN A 55 -11.23 -30.04 8.21
N GLY A 56 -12.38 -30.70 8.06
CA GLY A 56 -12.61 -31.62 6.94
C GLY A 56 -11.52 -32.68 6.84
N LYS A 57 -10.95 -32.83 5.65
CA LYS A 57 -9.92 -33.84 5.43
C LYS A 57 -8.63 -33.22 4.90
N LEU A 58 -8.38 -31.98 5.28
CA LEU A 58 -7.09 -31.35 5.01
C LEU A 58 -6.07 -31.69 6.10
N SER A 59 -4.83 -31.92 5.71
CA SER A 59 -3.73 -32.12 6.65
C SER A 59 -3.58 -30.87 7.53
N ASN A 60 -2.88 -30.98 8.66
CA ASN A 60 -2.60 -29.80 9.47
C ASN A 60 -1.95 -28.68 8.67
N GLN A 61 -1.00 -29.05 7.81
CA GLN A 61 -0.22 -28.09 7.04
C GLN A 61 -1.06 -27.38 5.97
N GLN A 62 -2.03 -28.10 5.38
CA GLN A 62 -2.95 -27.51 4.40
C GLN A 62 -3.90 -26.51 5.03
N TRP A 63 -4.39 -26.84 6.22
CA TRP A 63 -5.26 -25.95 6.97
C TRP A 63 -4.57 -24.67 7.39
N GLU A 64 -3.36 -24.80 7.94
CA GLU A 64 -2.63 -23.66 8.47
C GLU A 64 -2.30 -22.67 7.35
N LYS A 65 -1.99 -23.22 6.18
CA LYS A 65 -1.72 -22.43 5.01
C LYS A 65 -2.99 -21.74 4.52
N LEU A 66 -4.11 -22.45 4.62
CA LEU A 66 -5.40 -21.92 4.20
C LEU A 66 -5.80 -20.74 5.08
N GLN A 67 -5.63 -20.89 6.39
CA GLN A 67 -6.00 -19.87 7.35
C GLN A 67 -5.10 -18.66 7.20
N HIS A 68 -3.83 -18.89 6.89
CA HIS A 68 -2.91 -17.78 6.73
C HIS A 68 -3.28 -16.89 5.55
N MET A 69 -3.77 -17.51 4.48
CA MET A 69 -4.34 -16.78 3.36
C MET A 69 -5.55 -15.93 3.77
N PHE A 70 -6.34 -16.45 4.71
CA PHE A 70 -7.53 -15.74 5.12
C PHE A 70 -7.18 -14.60 6.04
N GLN A 71 -6.29 -14.87 7.00
CA GLN A 71 -5.79 -13.85 7.93
C GLN A 71 -5.34 -12.61 7.20
N VAL A 72 -4.53 -12.82 6.16
CA VAL A 72 -4.05 -11.77 5.28
C VAL A 72 -5.21 -11.07 4.55
N TYR A 73 -6.10 -11.85 3.95
CA TYR A 73 -7.26 -11.31 3.23
C TYR A 73 -8.07 -10.33 4.11
N ARG A 74 -8.31 -10.71 5.35
CA ARG A 74 -9.20 -9.99 6.23
C ARG A 74 -8.68 -8.59 6.52
N VAL A 75 -7.37 -8.49 6.75
CA VAL A 75 -6.68 -7.21 6.91
C VAL A 75 -6.72 -6.41 5.61
N SER A 76 -6.42 -7.08 4.50
CA SER A 76 -6.38 -6.43 3.20
C SER A 76 -7.75 -5.93 2.77
N PHE A 77 -8.78 -6.75 2.97
CA PHE A 77 -10.17 -6.36 2.67
C PHE A 77 -10.55 -5.08 3.41
N THR A 78 -10.18 -4.99 4.68
CA THR A 78 -10.46 -3.80 5.45
C THR A 78 -9.86 -2.54 4.84
N ARG A 79 -8.55 -2.54 4.61
CA ARG A 79 -7.90 -1.36 4.07
C ARG A 79 -8.47 -1.00 2.69
N ASP A 80 -8.71 -2.03 1.89
CA ASP A 80 -9.10 -1.85 0.50
C ASP A 80 -10.45 -1.13 0.38
N ILE A 81 -11.41 -1.53 1.21
CA ILE A 81 -12.71 -0.86 1.27
C ILE A 81 -12.52 0.62 1.66
N GLN A 82 -11.73 0.84 2.71
CA GLN A 82 -11.48 2.19 3.21
C GLN A 82 -10.84 3.07 2.15
N GLU A 83 -10.05 2.45 1.29
CA GLU A 83 -9.39 3.15 0.18
C GLU A 83 -10.30 3.23 -1.03
N LEU A 84 -11.38 2.46 -1.04
CA LEU A 84 -12.36 2.64 -2.10
C LEU A 84 -13.33 3.77 -1.75
N VAL A 85 -13.64 3.92 -0.47
CA VAL A 85 -14.47 5.02 -0.03
C VAL A 85 -13.76 6.31 -0.40
N LYS A 86 -12.45 6.36 -0.16
CA LYS A 86 -11.65 7.52 -0.48
C LYS A 86 -11.73 7.85 -1.96
N MET A 87 -11.73 6.80 -2.77
CA MET A 87 -11.75 6.97 -4.21
C MET A 87 -13.10 7.46 -4.70
N MET A 88 -14.17 6.92 -4.14
CA MET A 88 -15.52 7.19 -4.60
C MET A 88 -16.09 8.48 -4.06
N SER A 89 -15.52 9.01 -2.98
CA SER A 89 -16.11 10.16 -2.29
C SER A 89 -16.12 11.45 -3.15
N PRO A 90 -17.08 12.35 -2.89
CA PRO A 90 -18.04 12.28 -1.77
C PRO A 90 -19.31 11.49 -2.10
N LYS A 91 -19.28 10.73 -3.19
CA LYS A 91 -20.41 9.91 -3.65
C LYS A 91 -20.91 8.96 -2.55
N GLU A 92 -20.00 8.26 -1.88
CA GLU A 92 -20.39 7.29 -0.85
C GLU A 92 -19.74 7.59 0.49
N ASP A 93 -20.39 7.16 1.57
CA ASP A 93 -19.96 7.54 2.91
C ASP A 93 -20.39 6.56 4.02
N TYR A 94 -19.68 6.61 5.15
CA TYR A 94 -19.95 5.75 6.29
C TYR A 94 -21.24 6.18 7.01
N PRO A 95 -21.90 5.25 7.74
CA PRO A 95 -21.65 3.82 7.88
C PRO A 95 -21.78 3.05 6.56
N ILE A 96 -20.96 2.02 6.40
CA ILE A 96 -21.03 1.14 5.25
C ILE A 96 -21.09 -0.27 5.78
N GLU A 97 -21.96 -1.08 5.17
CA GLU A 97 -22.14 -2.45 5.56
C GLU A 97 -21.92 -3.36 4.35
N ILE A 98 -20.84 -4.11 4.37
CA ILE A 98 -20.60 -5.09 3.30
C ILE A 98 -20.86 -6.50 3.80
N GLN A 99 -21.44 -7.32 2.92
CA GLN A 99 -21.64 -8.74 3.19
C GLN A 99 -21.16 -9.61 2.03
N LEU A 100 -20.40 -10.64 2.35
CA LEU A 100 -19.99 -11.62 1.37
C LEU A 100 -20.70 -12.93 1.59
N SER A 101 -21.06 -13.59 0.50
CA SER A 101 -21.58 -14.96 0.58
C SER A 101 -20.87 -15.86 -0.42
N ALA A 102 -20.02 -16.75 0.09
CA ALA A 102 -19.17 -17.55 -0.78
C ALA A 102 -19.18 -19.01 -0.37
N GLY A 103 -19.03 -19.87 -1.37
CA GLY A 103 -19.00 -21.31 -1.17
C GLY A 103 -19.49 -22.02 -2.40
N CYS A 104 -19.92 -23.27 -2.23
CA CYS A 104 -20.32 -24.11 -3.34
C CYS A 104 -21.50 -25.01 -2.98
N GLU A 105 -22.25 -25.43 -4.00
CA GLU A 105 -23.34 -26.36 -3.82
C GLU A 105 -22.94 -27.69 -4.44
N MET A 106 -23.06 -28.76 -3.67
CA MET A 106 -22.61 -30.10 -4.09
C MET A 106 -23.76 -30.93 -4.62
N TYR A 107 -23.47 -31.73 -5.64
CA TYR A 107 -24.49 -32.45 -6.41
C TYR A 107 -24.21 -33.96 -6.49
N PRO A 108 -25.17 -34.75 -7.05
CA PRO A 108 -24.92 -36.14 -7.42
C PRO A 108 -23.65 -36.29 -8.25
N GLY A 109 -22.97 -37.42 -8.10
CA GLY A 109 -21.65 -37.61 -8.71
C GLY A 109 -20.65 -36.63 -8.14
N ASN A 110 -19.63 -36.30 -8.92
CA ASN A 110 -18.65 -35.31 -8.49
C ASN A 110 -18.85 -34.01 -9.26
N ALA A 111 -20.05 -33.44 -9.14
CA ALA A 111 -20.40 -32.17 -9.76
C ALA A 111 -20.70 -31.12 -8.70
N SER A 112 -20.41 -29.86 -9.03
CA SER A 112 -20.62 -28.74 -8.12
C SER A 112 -20.81 -27.39 -8.85
N GLU A 113 -21.05 -26.34 -8.08
CA GLU A 113 -21.17 -24.99 -8.58
C GLU A 113 -20.73 -24.02 -7.50
N SER A 114 -19.92 -23.02 -7.87
CA SER A 114 -19.37 -22.09 -6.89
C SER A 114 -19.86 -20.66 -7.09
N PHE A 115 -20.15 -19.97 -5.99
CA PHE A 115 -20.61 -18.60 -6.03
C PHE A 115 -19.79 -17.75 -5.08
N LEU A 116 -19.66 -16.47 -5.41
CA LEU A 116 -19.07 -15.49 -4.51
C LEU A 116 -19.82 -14.19 -4.75
N HIS A 117 -20.73 -13.86 -3.83
CA HIS A 117 -21.68 -12.77 -3.99
C HIS A 117 -21.40 -11.72 -2.98
N VAL A 118 -21.41 -10.47 -3.44
CA VAL A 118 -21.19 -9.35 -2.53
C VAL A 118 -22.41 -8.43 -2.46
N ALA A 119 -22.77 -8.07 -1.23
CA ALA A 119 -23.83 -7.09 -1.02
C ALA A 119 -23.30 -5.83 -0.35
N PHE A 120 -23.87 -4.69 -0.74
CA PHE A 120 -23.47 -3.38 -0.23
C PHE A 120 -24.74 -2.65 0.26
N GLN A 121 -24.69 -2.18 1.51
CA GLN A 121 -25.87 -1.63 2.23
C GLN A 121 -27.12 -2.53 2.18
N GLY A 122 -26.93 -3.82 1.92
CA GLY A 122 -28.02 -4.78 1.97
C GLY A 122 -28.55 -5.17 0.61
N LYS A 123 -28.05 -4.56 -0.45
CA LYS A 123 -28.46 -4.95 -1.79
C LYS A 123 -27.31 -5.67 -2.52
N TYR A 124 -27.63 -6.83 -3.08
CA TYR A 124 -26.67 -7.66 -3.82
C TYR A 124 -26.24 -6.88 -5.06
N VAL A 125 -24.93 -6.67 -5.23
CA VAL A 125 -24.42 -5.78 -6.30
C VAL A 125 -23.27 -6.35 -7.15
N VAL A 126 -22.43 -7.17 -6.54
CA VAL A 126 -21.22 -7.67 -7.19
C VAL A 126 -21.08 -9.18 -7.05
N ARG A 127 -20.39 -9.79 -8.00
CA ARG A 127 -20.07 -11.21 -7.92
C ARG A 127 -18.77 -11.54 -8.61
N PHE A 128 -18.14 -12.62 -8.16
CA PHE A 128 -17.08 -13.19 -8.98
C PHE A 128 -17.71 -14.16 -9.94
N TRP A 129 -17.39 -13.98 -11.22
CA TRP A 129 -17.90 -14.85 -12.25
C TRP A 129 -16.83 -15.09 -13.28
N GLY A 130 -16.56 -16.36 -13.54
CA GLY A 130 -15.55 -16.75 -14.50
C GLY A 130 -14.17 -16.46 -13.96
N THR A 131 -13.64 -15.30 -14.35
CA THR A 131 -12.28 -14.91 -13.97
C THR A 131 -12.21 -13.48 -13.51
N SER A 132 -13.35 -12.82 -13.38
CA SER A 132 -13.36 -11.41 -13.03
C SER A 132 -14.51 -11.02 -12.11
N TRP A 133 -14.38 -9.87 -11.48
CA TRP A 133 -15.47 -9.25 -10.77
C TRP A 133 -16.36 -8.58 -11.78
N GLN A 134 -17.66 -8.63 -11.56
CA GLN A 134 -18.62 -7.92 -12.40
C GLN A 134 -19.82 -7.51 -11.55
N THR A 135 -20.46 -6.39 -11.91
CA THR A 135 -21.69 -6.01 -11.19
C THR A 135 -22.85 -6.81 -11.75
N VAL A 136 -23.94 -6.86 -11.00
CA VAL A 136 -25.11 -7.59 -11.44
C VAL A 136 -26.13 -6.56 -11.93
N PRO A 137 -27.19 -7.02 -12.62
CA PRO A 137 -28.34 -6.16 -12.94
C PRO A 137 -28.88 -5.44 -11.71
N GLY A 138 -29.15 -4.14 -11.85
CA GLY A 138 -29.66 -3.34 -10.75
C GLY A 138 -28.63 -2.47 -10.03
N ALA A 139 -27.35 -2.80 -10.22
CA ALA A 139 -26.27 -2.15 -9.49
C ALA A 139 -26.09 -0.71 -9.96
N PRO A 140 -25.79 0.21 -9.03
CA PRO A 140 -25.44 1.57 -9.45
C PRO A 140 -24.19 1.59 -10.33
N SER A 141 -24.16 2.48 -11.33
CA SER A 141 -23.06 2.56 -12.27
C SER A 141 -21.71 2.94 -11.67
N TRP A 142 -21.70 3.48 -10.45
CA TRP A 142 -20.46 3.99 -9.88
C TRP A 142 -19.59 2.88 -9.42
N LEU A 143 -20.20 1.74 -9.10
CA LEU A 143 -19.45 0.52 -8.77
C LEU A 143 -18.48 0.12 -9.86
N ASP A 144 -18.69 0.63 -11.08
CA ASP A 144 -17.80 0.33 -12.20
C ASP A 144 -16.33 0.67 -11.95
N LEU A 145 -16.04 1.73 -11.20
CA LEU A 145 -14.65 2.05 -10.89
C LEU A 145 -14.02 1.09 -9.88
N PRO A 146 -14.69 0.86 -8.74
CA PRO A 146 -14.21 -0.19 -7.84
C PRO A 146 -14.01 -1.53 -8.56
N ILE A 147 -15.00 -1.96 -9.35
CA ILE A 147 -14.87 -3.16 -10.17
C ILE A 147 -13.61 -3.10 -11.06
N LYS A 148 -13.38 -1.98 -11.73
CA LYS A 148 -12.19 -1.86 -12.57
C LYS A 148 -10.89 -1.97 -11.76
N VAL A 149 -10.88 -1.38 -10.57
CA VAL A 149 -9.70 -1.39 -9.73
C VAL A 149 -9.43 -2.81 -9.24
N LEU A 150 -10.51 -3.52 -8.89
CA LEU A 150 -10.41 -4.90 -8.40
C LEU A 150 -9.97 -5.85 -9.49
N ASN A 151 -10.46 -5.63 -10.70
CA ASN A 151 -10.06 -6.45 -11.84
C ASN A 151 -8.62 -6.20 -12.32
N ALA A 152 -7.98 -5.13 -11.86
CA ALA A 152 -6.59 -4.83 -12.22
C ALA A 152 -5.61 -5.77 -11.51
N ASP A 153 -6.05 -6.31 -10.38
CA ASP A 153 -5.21 -7.10 -9.49
C ASP A 153 -5.28 -8.58 -9.88
N GLN A 154 -4.43 -8.95 -10.83
CA GLN A 154 -4.41 -10.32 -11.35
C GLN A 154 -4.13 -11.34 -10.27
N GLY A 155 -3.29 -10.96 -9.29
CA GLY A 155 -2.92 -11.84 -8.17
C GLY A 155 -4.12 -12.31 -7.36
N THR A 156 -5.06 -11.42 -7.09
CA THR A 156 -6.27 -11.80 -6.37
C THR A 156 -7.20 -12.63 -7.26
N SER A 157 -7.35 -12.21 -8.52
CA SER A 157 -8.19 -12.95 -9.45
C SER A 157 -7.86 -14.45 -9.46
N ALA A 158 -6.59 -14.78 -9.71
CA ALA A 158 -6.21 -16.17 -9.90
C ALA A 158 -6.40 -16.95 -8.61
N THR A 159 -6.15 -16.30 -7.49
CA THR A 159 -6.34 -16.89 -6.16
C THR A 159 -7.79 -17.29 -6.00
N VAL A 160 -8.67 -16.30 -6.14
CA VAL A 160 -10.10 -16.48 -6.01
C VAL A 160 -10.63 -17.56 -6.97
N GLN A 161 -10.11 -17.59 -8.20
CA GLN A 161 -10.47 -18.64 -9.16
C GLN A 161 -10.13 -20.03 -8.62
N MET A 162 -8.95 -20.13 -8.01
CA MET A 162 -8.50 -21.37 -7.39
C MET A 162 -9.37 -21.72 -6.20
N LEU A 163 -9.73 -20.71 -5.40
CA LEU A 163 -10.60 -20.93 -4.24
C LEU A 163 -11.96 -21.51 -4.60
N LEU A 164 -12.58 -20.94 -5.64
CA LEU A 164 -13.92 -21.33 -6.05
C LEU A 164 -13.92 -22.56 -6.94
N ASN A 165 -13.00 -22.62 -7.89
CA ASN A 165 -12.97 -23.73 -8.85
C ASN A 165 -12.54 -25.05 -8.18
N ASP A 166 -11.47 -25.00 -7.38
CA ASP A 166 -10.86 -26.22 -6.86
C ASP A 166 -11.00 -26.44 -5.36
N THR A 167 -10.59 -25.46 -4.55
CA THR A 167 -10.56 -25.63 -3.10
C THR A 167 -11.92 -25.89 -2.44
N CYS A 168 -12.95 -25.13 -2.81
CA CYS A 168 -14.27 -25.30 -2.20
C CYS A 168 -14.76 -26.71 -2.45
N PRO A 169 -14.98 -27.09 -3.73
CA PRO A 169 -15.52 -28.44 -3.95
C PRO A 169 -14.68 -29.50 -3.25
N LEU A 170 -13.35 -29.39 -3.35
CA LEU A 170 -12.45 -30.37 -2.74
C LEU A 170 -12.59 -30.41 -1.22
N PHE A 171 -12.47 -29.25 -0.58
CA PHE A 171 -12.57 -29.14 0.88
C PHE A 171 -13.91 -29.68 1.37
N VAL A 172 -14.99 -29.27 0.74
CA VAL A 172 -16.32 -29.66 1.20
C VAL A 172 -16.55 -31.16 1.11
N ARG A 173 -16.06 -31.78 0.03
CA ARG A 173 -16.14 -33.22 -0.10
C ARG A 173 -15.55 -33.87 1.13
N GLY A 174 -14.38 -33.38 1.54
CA GLY A 174 -13.72 -33.84 2.75
C GLY A 174 -14.60 -33.65 3.95
N LEU A 175 -15.29 -32.51 4.00
CA LEU A 175 -16.21 -32.19 5.09
C LEU A 175 -17.35 -33.19 5.23
N LEU A 176 -17.99 -33.53 4.10
CA LEU A 176 -19.14 -34.44 4.11
C LEU A 176 -18.74 -35.86 4.53
N GLU A 177 -17.51 -36.25 4.24
CA GLU A 177 -17.02 -37.54 4.73
C GLU A 177 -16.90 -37.50 6.26
N ALA A 178 -16.06 -36.58 6.75
CA ALA A 178 -15.75 -36.44 8.18
C ALA A 178 -16.94 -36.09 9.08
N GLY A 179 -18.05 -35.66 8.50
CA GLY A 179 -19.15 -35.14 9.29
C GLY A 179 -20.45 -35.89 9.07
N LYS A 180 -20.34 -37.08 8.47
CA LYS A 180 -21.50 -37.91 8.08
C LYS A 180 -22.43 -38.21 9.25
N SER A 181 -21.88 -38.48 10.42
CA SER A 181 -22.72 -38.85 11.55
C SER A 181 -23.55 -37.66 12.07
N ASP A 182 -22.99 -36.46 11.99
CA ASP A 182 -23.74 -35.25 12.37
C ASP A 182 -24.78 -34.85 11.32
N LEU A 183 -24.38 -34.78 10.06
CA LEU A 183 -25.29 -34.41 8.99
C LEU A 183 -26.47 -35.36 8.92
N GLU A 184 -26.20 -36.65 9.16
CA GLU A 184 -27.24 -37.68 9.10
C GLU A 184 -27.94 -37.95 10.45
N LYS A 185 -27.64 -37.13 11.45
CA LYS A 185 -28.33 -37.17 12.75
C LYS A 185 -29.85 -37.20 12.59
N GLN A 186 -30.50 -38.13 13.27
CA GLN A 186 -31.96 -38.13 13.42
C GLN A 186 -32.31 -37.75 14.85
N GLU A 187 -33.19 -36.78 15.02
CA GLU A 187 -33.63 -36.35 16.34
C GLU A 187 -35.15 -36.24 16.35
N LYS A 188 -35.79 -36.98 17.26
CA LYS A 188 -37.26 -37.00 17.37
C LYS A 188 -37.85 -35.67 17.82
N PRO A 189 -39.00 -35.28 17.26
CA PRO A 189 -39.70 -34.10 17.74
C PRO A 189 -40.49 -34.40 19.01
N VAL A 190 -40.95 -33.34 19.66
CA VAL A 190 -41.90 -33.45 20.77
C VAL A 190 -42.98 -32.40 20.53
N ALA A 191 -44.22 -32.74 20.86
CA ALA A 191 -45.33 -31.85 20.57
C ALA A 191 -46.23 -31.62 21.77
N TRP A 192 -46.78 -30.41 21.85
CA TRP A 192 -47.77 -30.06 22.88
C TRP A 192 -48.83 -29.16 22.31
N LEU A 193 -50.07 -29.31 22.78
CA LEU A 193 -51.18 -28.49 22.30
C LEU A 193 -51.41 -27.31 23.21
N SER A 194 -52.07 -26.27 22.68
CA SER A 194 -52.41 -25.06 23.45
C SER A 194 -53.35 -24.19 22.61
N SER A 195 -53.93 -23.16 23.22
CA SER A 195 -54.90 -22.31 22.50
C SER A 195 -54.92 -20.85 22.96
N VAL A 196 -55.47 -19.98 22.10
CA VAL A 196 -55.48 -18.52 22.29
C VAL A 196 -56.77 -17.93 21.71
N PRO A 197 -57.33 -16.88 22.36
CA PRO A 197 -58.39 -16.10 21.69
C PRO A 197 -57.84 -15.22 20.59
N ARG A 204 -61.25 -18.85 18.32
CA ARG A 204 -60.19 -19.47 19.12
C ARG A 204 -59.16 -20.20 18.25
N GLN A 205 -57.88 -19.90 18.48
CA GLN A 205 -56.79 -20.47 17.71
C GLN A 205 -56.06 -21.58 18.47
N LEU A 206 -56.06 -22.77 17.90
CA LEU A 206 -55.41 -23.91 18.51
C LEU A 206 -54.00 -24.05 17.93
N VAL A 207 -53.06 -24.52 18.76
CA VAL A 207 -51.65 -24.50 18.38
C VAL A 207 -50.96 -25.82 18.68
N CYS A 208 -50.39 -26.41 17.63
CA CYS A 208 -49.63 -27.65 17.77
C CYS A 208 -48.16 -27.28 17.73
N HIS A 209 -47.47 -27.53 18.83
CA HIS A 209 -46.07 -27.13 18.98
C HIS A 209 -45.17 -28.30 18.72
N VAL A 210 -44.30 -28.19 17.72
CA VAL A 210 -43.41 -29.29 17.43
C VAL A 210 -41.97 -28.83 17.63
N SER A 211 -41.21 -29.54 18.46
CA SER A 211 -39.89 -29.04 18.85
C SER A 211 -38.84 -30.10 19.15
N GLY A 212 -37.66 -29.90 18.58
CA GLY A 212 -36.50 -30.76 18.87
C GLY A 212 -36.12 -31.73 17.76
N PHE A 213 -36.84 -31.66 16.64
CA PHE A 213 -36.58 -32.54 15.49
C PHE A 213 -35.41 -32.12 14.59
N TYR A 214 -34.71 -33.13 14.06
CA TYR A 214 -33.69 -32.94 13.02
C TYR A 214 -33.61 -34.18 12.11
N PRO A 215 -33.57 -33.99 10.76
CA PRO A 215 -33.44 -32.75 9.99
C PRO A 215 -34.75 -31.98 9.78
N LYS A 216 -34.67 -30.91 8.99
CA LYS A 216 -35.75 -29.92 8.88
C LYS A 216 -37.07 -30.43 8.28
N PRO A 217 -37.01 -31.32 7.25
CA PRO A 217 -38.30 -31.76 6.68
C PRO A 217 -39.23 -32.41 7.72
N VAL A 218 -40.48 -31.96 7.75
CA VAL A 218 -41.45 -32.37 8.77
C VAL A 218 -42.88 -32.18 8.27
N TRP A 219 -43.78 -33.04 8.71
CA TRP A 219 -45.18 -32.95 8.33
C TRP A 219 -46.08 -32.81 9.53
N VAL A 220 -46.83 -31.71 9.56
CA VAL A 220 -47.72 -31.40 10.69
C VAL A 220 -49.08 -30.99 10.16
N MET A 221 -50.12 -31.64 10.66
CA MET A 221 -51.48 -31.43 10.20
C MET A 221 -52.49 -31.66 11.33
N TRP A 222 -53.44 -30.72 11.45
CA TRP A 222 -54.59 -30.86 12.33
C TRP A 222 -55.63 -31.72 11.67
N MET A 223 -56.20 -32.66 12.41
CA MET A 223 -57.17 -33.60 11.83
C MET A 223 -58.34 -33.97 12.75
N ARG A 224 -59.55 -33.84 12.21
CA ARG A 224 -60.74 -34.47 12.78
C ARG A 224 -60.79 -35.90 12.25
N GLY A 225 -60.30 -36.85 13.06
CA GLY A 225 -60.15 -38.24 12.65
C GLY A 225 -59.21 -38.43 11.46
N ASP A 226 -59.80 -38.46 10.27
CA ASP A 226 -59.10 -38.71 9.01
C ASP A 226 -59.05 -37.48 8.13
N GLN A 227 -60.15 -36.73 8.10
CA GLN A 227 -60.21 -35.47 7.34
C GLN A 227 -59.14 -34.48 7.83
N GLU A 228 -58.18 -34.20 6.95
CA GLU A 228 -57.12 -33.23 7.23
C GLU A 228 -57.72 -31.84 7.18
N GLN A 229 -57.60 -31.10 8.27
CA GLN A 229 -58.19 -29.77 8.33
C GLN A 229 -57.48 -28.83 7.38
N GLN A 230 -58.22 -28.39 6.35
CA GLN A 230 -57.70 -27.55 5.27
C GLN A 230 -57.23 -26.17 5.75
N GLY A 231 -57.61 -25.79 6.97
CA GLY A 231 -57.30 -24.47 7.52
C GLY A 231 -55.98 -24.36 8.29
N THR A 232 -55.28 -25.49 8.44
CA THR A 232 -53.97 -25.51 9.09
C THR A 232 -53.02 -24.50 8.45
N HIS A 233 -52.45 -23.63 9.28
CA HIS A 233 -51.39 -22.75 8.84
C HIS A 233 -50.10 -23.14 9.50
N ARG A 234 -49.10 -23.46 8.68
CA ARG A 234 -47.76 -23.73 9.17
C ARG A 234 -47.06 -22.39 9.44
N GLY A 235 -46.29 -22.35 10.51
CA GLY A 235 -45.47 -21.18 10.82
C GLY A 235 -44.08 -21.39 10.25
N ASP A 236 -43.19 -20.44 10.49
CA ASP A 236 -41.84 -20.60 10.03
C ASP A 236 -41.08 -21.58 10.91
N PHE A 237 -39.97 -22.07 10.40
CA PHE A 237 -39.09 -22.92 11.17
C PHE A 237 -38.24 -22.02 12.06
N LEU A 238 -38.29 -22.26 13.36
CA LEU A 238 -37.50 -21.50 14.29
C LEU A 238 -36.43 -22.43 14.85
N PRO A 239 -35.20 -21.92 15.06
CA PRO A 239 -34.16 -22.81 15.56
C PRO A 239 -34.16 -22.91 17.08
N ASN A 240 -33.69 -24.05 17.58
CA ASN A 240 -33.33 -24.20 18.97
C ASN A 240 -31.82 -23.99 19.08
N ALA A 241 -31.28 -23.88 20.30
CA ALA A 241 -29.84 -23.71 20.50
C ALA A 241 -29.04 -24.96 20.11
N ASP A 242 -29.58 -26.12 20.46
CA ASP A 242 -28.89 -27.42 20.28
C ASP A 242 -29.01 -28.03 18.88
N GLU A 243 -29.17 -27.17 17.86
CA GLU A 243 -29.12 -27.60 16.46
C GLU A 243 -30.24 -28.57 16.09
N THR A 244 -31.45 -28.18 16.49
CA THR A 244 -32.68 -28.87 16.19
C THR A 244 -33.69 -27.79 15.86
N TRP A 245 -34.81 -28.17 15.24
CA TRP A 245 -35.78 -27.17 14.79
C TRP A 245 -37.02 -27.11 15.64
N TYR A 246 -37.81 -26.07 15.41
CA TYR A 246 -39.08 -25.83 16.07
C TYR A 246 -40.07 -25.25 15.05
N LEU A 247 -41.30 -25.77 15.06
CA LEU A 247 -42.35 -25.33 14.14
C LEU A 247 -43.71 -25.49 14.79
N GLN A 248 -44.63 -24.62 14.42
CA GLN A 248 -46.01 -24.73 14.89
C GLN A 248 -47.04 -24.51 13.80
N ALA A 249 -48.13 -25.29 13.86
CA ALA A 249 -49.29 -25.11 13.01
C ALA A 249 -50.49 -24.63 13.82
N THR A 250 -51.18 -23.62 13.30
CA THR A 250 -52.37 -23.08 13.97
C THR A 250 -53.65 -23.42 13.20
N LEU A 251 -54.68 -23.88 13.92
CA LEU A 251 -56.00 -24.05 13.30
C LEU A 251 -57.02 -23.13 13.93
N ASP A 252 -57.60 -22.26 13.11
CA ASP A 252 -58.67 -21.38 13.55
C ASP A 252 -60.03 -22.11 13.57
N VAL A 253 -60.60 -22.22 14.77
CA VAL A 253 -61.91 -22.85 14.98
C VAL A 253 -62.85 -21.97 15.85
N GLU A 254 -64.17 -22.21 15.75
CA GLU A 254 -65.13 -21.50 16.59
C GLU A 254 -65.35 -22.27 17.89
N ALA A 255 -65.37 -21.56 19.00
CA ALA A 255 -65.43 -22.17 20.34
C ALA A 255 -66.51 -23.25 20.45
N GLY A 256 -66.15 -24.38 21.05
CA GLY A 256 -67.04 -25.54 21.17
C GLY A 256 -66.82 -26.61 20.11
N GLU A 257 -65.87 -26.37 19.20
CA GLU A 257 -65.54 -27.35 18.15
C GLU A 257 -64.27 -28.15 18.47
N GLU A 258 -63.59 -27.77 19.55
CA GLU A 258 -62.32 -28.37 20.00
C GLU A 258 -62.40 -29.86 20.27
N ALA A 259 -63.60 -30.37 20.52
CA ALA A 259 -63.81 -31.79 20.80
C ALA A 259 -63.41 -32.67 19.62
N GLY A 260 -62.61 -33.69 19.91
CA GLY A 260 -62.22 -34.69 18.91
C GLY A 260 -61.29 -34.19 17.81
N LEU A 261 -60.50 -33.17 18.13
CA LEU A 261 -59.43 -32.72 17.24
C LEU A 261 -58.10 -33.34 17.65
N ALA A 262 -57.26 -33.63 16.67
CA ALA A 262 -55.97 -34.25 16.91
C ALA A 262 -54.86 -33.56 16.11
N CYS A 263 -53.62 -33.73 16.56
CA CYS A 263 -52.47 -33.26 15.81
C CYS A 263 -51.62 -34.43 15.38
N ARG A 264 -51.41 -34.54 14.06
CA ARG A 264 -50.56 -35.61 13.53
C ARG A 264 -49.24 -35.05 13.01
N VAL A 265 -48.17 -35.66 13.49
CA VAL A 265 -46.81 -35.23 13.19
C VAL A 265 -46.04 -36.38 12.56
N LYS A 266 -45.49 -36.12 11.38
CA LYS A 266 -44.64 -37.08 10.67
C LYS A 266 -43.23 -36.52 10.60
N HIS A 267 -42.24 -37.36 10.87
CA HIS A 267 -40.84 -37.00 10.74
C HIS A 267 -39.96 -38.22 10.68
N SER A 268 -39.05 -38.24 9.71
CA SER A 268 -38.11 -39.36 9.51
C SER A 268 -37.59 -40.08 10.77
N SER A 269 -37.33 -39.31 11.84
CA SER A 269 -36.78 -39.84 13.09
C SER A 269 -37.72 -40.81 13.81
N LEU A 270 -39.02 -40.57 13.64
CA LEU A 270 -40.06 -41.36 14.29
C LEU A 270 -40.20 -42.77 13.71
N GLY A 271 -39.64 -42.98 12.51
CA GLY A 271 -39.70 -44.27 11.82
C GLY A 271 -41.12 -44.79 11.69
N GLY A 272 -41.96 -44.04 10.98
CA GLY A 272 -43.36 -44.41 10.74
C GLY A 272 -44.26 -44.54 11.95
N GLN A 273 -43.83 -43.99 13.07
CA GLN A 273 -44.66 -43.95 14.28
C GLN A 273 -45.20 -42.54 14.51
N ASP A 274 -46.04 -42.09 13.58
CA ASP A 274 -46.65 -40.75 13.63
C ASP A 274 -47.10 -40.36 15.03
N ILE A 275 -46.69 -39.17 15.46
CA ILE A 275 -47.10 -38.62 16.75
C ILE A 275 -48.55 -38.16 16.69
N ILE A 276 -49.38 -38.76 17.54
CA ILE A 276 -50.80 -38.45 17.61
C ILE A 276 -51.15 -37.83 18.98
N LEU A 277 -51.74 -36.64 18.94
CA LEU A 277 -51.99 -35.85 20.14
C LEU A 277 -53.42 -35.30 20.10
N TYR A 278 -54.28 -35.84 20.95
CA TYR A 278 -55.69 -35.46 20.97
C TYR A 278 -55.92 -34.28 21.90
N TRP A 279 -56.89 -33.44 21.56
CA TRP A 279 -57.25 -32.28 22.39
C TRP A 279 -57.87 -32.70 23.72
N GLN B 2 -32.97 0.58 5.57
CA GLN B 2 -33.24 0.13 6.97
C GLN B 2 -34.38 -0.88 7.01
N LYS B 3 -34.31 -1.85 7.92
CA LYS B 3 -35.38 -2.84 8.07
C LYS B 3 -35.63 -3.16 9.55
N THR B 4 -36.90 -3.42 9.88
CA THR B 4 -37.35 -3.53 11.27
C THR B 4 -37.48 -4.99 11.77
N PRO B 5 -36.98 -5.29 13.00
CA PRO B 5 -36.74 -6.68 13.42
C PRO B 5 -37.97 -7.45 13.93
N GLN B 6 -38.07 -8.72 13.55
CA GLN B 6 -39.14 -9.60 14.02
C GLN B 6 -38.69 -10.45 15.21
N ILE B 7 -39.44 -10.38 16.31
CA ILE B 7 -39.08 -11.07 17.56
C ILE B 7 -40.00 -12.24 17.86
N GLN B 8 -39.41 -13.42 18.12
CA GLN B 8 -40.22 -14.61 18.40
C GLN B 8 -39.73 -15.41 19.62
N VAL B 9 -40.55 -15.41 20.67
CA VAL B 9 -40.22 -16.04 21.94
C VAL B 9 -40.96 -17.37 22.07
N TYR B 10 -40.21 -18.43 22.32
CA TYR B 10 -40.78 -19.77 22.43
C TYR B 10 -39.82 -20.61 23.29
N SER B 11 -40.31 -21.70 23.87
CA SER B 11 -39.49 -22.51 24.76
C SER B 11 -39.04 -23.81 24.11
N ARG B 12 -37.89 -24.30 24.53
CA ARG B 12 -37.32 -25.54 23.99
C ARG B 12 -38.21 -26.78 24.21
N HIS B 13 -38.60 -26.99 25.45
CA HIS B 13 -39.40 -28.14 25.82
C HIS B 13 -40.79 -27.63 26.11
N PRO B 14 -41.76 -28.53 26.31
CA PRO B 14 -43.12 -28.05 26.58
C PRO B 14 -43.21 -27.34 27.94
N PRO B 15 -43.86 -26.16 27.96
CA PRO B 15 -43.91 -25.36 29.18
C PRO B 15 -44.64 -26.09 30.29
N GLU B 16 -44.02 -26.13 31.45
CA GLU B 16 -44.60 -26.77 32.62
C GLU B 16 -44.05 -26.10 33.86
N ASN B 17 -44.94 -25.63 34.72
CA ASN B 17 -44.54 -24.91 35.91
C ASN B 17 -43.57 -25.70 36.79
N GLY B 18 -42.69 -24.97 37.49
CA GLY B 18 -41.69 -25.59 38.37
C GLY B 18 -40.57 -26.37 37.68
N LYS B 19 -40.82 -26.77 36.42
CA LYS B 19 -39.84 -27.57 35.66
C LYS B 19 -38.86 -26.69 34.88
N PRO B 20 -37.54 -26.83 35.15
CA PRO B 20 -36.50 -26.10 34.40
C PRO B 20 -36.55 -26.39 32.91
N ASN B 21 -36.36 -25.35 32.11
CA ASN B 21 -36.55 -25.37 30.66
C ASN B 21 -35.53 -24.39 30.05
N ILE B 22 -35.65 -24.11 28.76
CA ILE B 22 -34.81 -23.11 28.12
C ILE B 22 -35.73 -22.25 27.30
N LEU B 23 -35.57 -20.93 27.44
CA LEU B 23 -36.35 -19.97 26.68
C LEU B 23 -35.51 -19.43 25.52
N ASN B 24 -36.12 -19.37 24.34
CA ASN B 24 -35.49 -18.84 23.13
C ASN B 24 -36.06 -17.50 22.72
N CYS B 25 -35.18 -16.60 22.28
CA CYS B 25 -35.63 -15.40 21.59
C CYS B 25 -35.00 -15.31 20.21
N TYR B 26 -35.86 -15.32 19.19
CA TYR B 26 -35.38 -15.31 17.81
C TYR B 26 -35.66 -13.98 17.13
N VAL B 27 -34.58 -13.24 16.87
CA VAL B 27 -34.66 -11.90 16.29
C VAL B 27 -34.20 -12.01 14.85
N THR B 28 -35.00 -11.52 13.91
CA THR B 28 -34.72 -11.71 12.47
C THR B 28 -35.12 -10.53 11.60
N GLN B 29 -34.73 -10.64 10.33
CA GLN B 29 -35.10 -9.69 9.26
C GLN B 29 -34.79 -8.21 9.59
N PHE B 30 -33.56 -7.94 10.05
CA PHE B 30 -33.14 -6.57 10.36
C PHE B 30 -31.88 -6.12 9.66
N HIS B 31 -31.79 -4.82 9.38
CA HIS B 31 -30.62 -4.22 8.79
C HIS B 31 -30.65 -2.80 9.22
N PRO B 32 -29.52 -2.27 9.73
CA PRO B 32 -28.15 -2.80 9.91
C PRO B 32 -28.01 -3.88 11.00
N PRO B 33 -26.83 -4.54 11.09
CA PRO B 33 -26.62 -5.67 12.02
C PRO B 33 -26.35 -5.30 13.47
N HIS B 34 -26.11 -4.01 13.77
CA HIS B 34 -25.88 -3.60 15.16
C HIS B 34 -27.19 -3.59 15.91
N ILE B 35 -27.20 -4.24 17.08
CA ILE B 35 -28.45 -4.55 17.78
C ILE B 35 -28.23 -4.90 19.27
N GLU B 36 -29.18 -4.54 20.12
CA GLU B 36 -29.06 -4.84 21.55
C GLU B 36 -30.27 -5.65 22.01
N ILE B 37 -29.99 -6.82 22.57
CA ILE B 37 -31.04 -7.78 22.93
C ILE B 37 -30.95 -8.13 24.39
N GLN B 38 -32.04 -7.90 25.12
CA GLN B 38 -32.13 -8.35 26.50
C GLN B 38 -33.26 -9.36 26.68
N MET B 39 -33.00 -10.41 27.44
CA MET B 39 -34.09 -11.23 27.94
C MET B 39 -34.42 -10.73 29.36
N LEU B 40 -35.71 -10.73 29.70
CA LEU B 40 -36.19 -10.09 30.93
C LEU B 40 -37.17 -10.94 31.73
N LYS B 41 -36.79 -11.30 32.96
CA LYS B 41 -37.72 -11.91 33.92
C LYS B 41 -38.32 -10.81 34.80
N ASN B 42 -39.65 -10.79 34.87
CA ASN B 42 -40.39 -9.78 35.64
C ASN B 42 -39.79 -8.37 35.46
N GLY B 43 -39.59 -7.95 34.22
CA GLY B 43 -39.05 -6.64 33.96
C GLY B 43 -37.54 -6.54 34.04
N LYS B 44 -36.91 -7.37 34.88
CA LYS B 44 -35.45 -7.30 35.12
C LYS B 44 -34.62 -8.13 34.12
N LYS B 45 -33.46 -7.61 33.74
CA LYS B 45 -32.52 -8.33 32.86
C LYS B 45 -32.07 -9.65 33.47
N ILE B 46 -31.84 -10.64 32.61
CA ILE B 46 -31.36 -11.94 33.05
C ILE B 46 -29.84 -11.97 32.86
N PRO B 47 -29.10 -12.46 33.89
CA PRO B 47 -27.63 -12.55 33.86
C PRO B 47 -27.02 -13.44 32.77
N LYS B 48 -26.97 -14.75 32.98
CA LYS B 48 -26.31 -15.65 32.02
C LYS B 48 -27.18 -15.94 30.79
N VAL B 49 -27.04 -15.10 29.76
CA VAL B 49 -27.81 -15.20 28.52
C VAL B 49 -26.89 -15.44 27.33
N GLU B 50 -27.05 -16.60 26.69
CA GLU B 50 -26.18 -17.02 25.60
C GLU B 50 -26.68 -16.58 24.25
N MET B 51 -25.75 -16.23 23.38
CA MET B 51 -26.04 -15.74 22.03
C MET B 51 -25.35 -16.60 21.01
N SER B 52 -26.03 -16.90 19.92
CA SER B 52 -25.35 -17.49 18.76
C SER B 52 -24.64 -16.38 18.03
N ASP B 53 -23.67 -16.77 17.23
CA ASP B 53 -23.02 -15.84 16.31
C ASP B 53 -24.06 -15.33 15.34
N MET B 54 -23.92 -14.08 14.94
CA MET B 54 -24.81 -13.53 13.94
C MET B 54 -24.56 -14.21 12.58
N SER B 55 -25.61 -14.20 11.76
CA SER B 55 -25.58 -14.77 10.43
C SER B 55 -26.66 -14.04 9.63
N PHE B 56 -26.80 -14.37 8.35
CA PHE B 56 -27.88 -13.79 7.54
C PHE B 56 -28.44 -14.77 6.52
N SER B 57 -29.71 -14.58 6.16
CA SER B 57 -30.39 -15.49 5.21
C SER B 57 -30.07 -15.14 3.76
N LYS B 58 -30.59 -15.95 2.82
CA LYS B 58 -30.37 -15.73 1.39
C LYS B 58 -30.78 -14.32 0.99
N ASP B 59 -31.85 -13.82 1.61
CA ASP B 59 -32.38 -12.52 1.32
C ASP B 59 -31.53 -11.36 1.88
N TRP B 60 -30.39 -11.70 2.48
CA TRP B 60 -29.41 -10.72 2.98
C TRP B 60 -29.70 -10.12 4.31
N SER B 61 -30.90 -10.37 4.84
CA SER B 61 -31.23 -9.81 6.16
C SER B 61 -30.69 -10.65 7.32
N PHE B 62 -30.33 -9.96 8.39
CA PHE B 62 -29.68 -10.54 9.56
C PHE B 62 -30.61 -11.28 10.52
N TYR B 63 -30.06 -12.26 11.22
CA TYR B 63 -30.75 -12.95 12.31
C TYR B 63 -29.79 -13.41 13.41
N ILE B 64 -30.30 -13.52 14.63
CA ILE B 64 -29.49 -13.96 15.77
C ILE B 64 -30.39 -14.64 16.78
N LEU B 65 -29.84 -15.57 17.54
CA LEU B 65 -30.62 -16.31 18.50
C LEU B 65 -30.05 -16.16 19.91
N ALA B 66 -30.92 -15.74 20.82
CA ALA B 66 -30.60 -15.70 22.23
C ALA B 66 -31.39 -16.77 22.95
N HIS B 67 -30.82 -17.28 24.04
CA HIS B 67 -31.46 -18.26 24.89
C HIS B 67 -30.91 -18.25 26.29
N THR B 68 -31.67 -18.81 27.22
CA THR B 68 -31.33 -18.83 28.65
C THR B 68 -32.15 -19.89 29.38
N GLU B 69 -31.58 -20.46 30.45
CA GLU B 69 -32.31 -21.31 31.38
C GLU B 69 -33.40 -20.51 32.08
N PHE B 70 -34.54 -21.15 32.33
CA PHE B 70 -35.61 -20.53 33.08
C PHE B 70 -36.55 -21.60 33.59
N THR B 71 -37.12 -21.36 34.77
CA THR B 71 -38.18 -22.19 35.30
C THR B 71 -39.50 -21.40 35.23
N PRO B 72 -40.42 -21.82 34.35
CA PRO B 72 -41.70 -21.11 34.25
C PRO B 72 -42.58 -21.39 35.47
N THR B 73 -43.19 -20.34 36.01
CA THR B 73 -44.11 -20.45 37.14
C THR B 73 -45.43 -19.80 36.73
N GLU B 74 -46.47 -19.98 37.54
CA GLU B 74 -47.74 -19.30 37.28
C GLU B 74 -47.57 -17.78 37.37
N THR B 75 -46.61 -17.37 38.21
CA THR B 75 -46.44 -15.96 38.57
C THR B 75 -45.61 -15.15 37.58
N ASP B 76 -44.39 -15.62 37.26
CA ASP B 76 -43.38 -14.81 36.57
C ASP B 76 -43.65 -14.55 35.08
N THR B 77 -43.36 -13.33 34.64
CA THR B 77 -43.43 -12.99 33.21
C THR B 77 -42.04 -12.87 32.60
N TYR B 78 -41.85 -13.48 31.43
CA TYR B 78 -40.59 -13.42 30.71
C TYR B 78 -40.75 -12.70 29.37
N ALA B 79 -39.71 -11.99 28.96
CA ALA B 79 -39.81 -11.09 27.81
C ALA B 79 -38.47 -10.91 27.09
N CYS B 80 -38.53 -10.49 25.83
CA CYS B 80 -37.35 -10.17 25.05
C CYS B 80 -37.44 -8.73 24.58
N ARG B 81 -36.52 -7.87 25.04
CA ARG B 81 -36.50 -6.46 24.63
C ARG B 81 -35.38 -6.22 23.64
N VAL B 82 -35.71 -5.53 22.55
CA VAL B 82 -34.75 -5.31 21.46
C VAL B 82 -34.63 -3.84 21.09
N LYS B 83 -33.38 -3.33 21.08
CA LYS B 83 -33.08 -1.98 20.58
C LYS B 83 -32.41 -2.03 19.21
N HIS B 84 -32.91 -1.24 18.28
CA HIS B 84 -32.38 -1.16 16.93
C HIS B 84 -32.65 0.18 16.31
N ALA B 85 -31.69 0.67 15.54
CA ALA B 85 -31.79 1.98 14.90
C ALA B 85 -33.11 2.19 14.16
N SER B 86 -33.65 1.12 13.59
CA SER B 86 -34.93 1.17 12.87
C SER B 86 -36.07 1.69 13.75
N MET B 87 -35.97 1.43 15.06
CA MET B 87 -37.04 1.77 15.99
C MET B 87 -36.67 2.93 16.89
N ALA B 88 -37.63 3.82 17.08
CA ALA B 88 -37.55 4.89 18.05
C ALA B 88 -37.58 4.31 19.48
N GLU B 89 -38.63 3.57 19.81
CA GLU B 89 -38.79 2.97 21.13
C GLU B 89 -38.40 1.50 21.09
N PRO B 90 -37.70 1.02 22.14
CA PRO B 90 -37.33 -0.40 22.24
C PRO B 90 -38.56 -1.31 22.30
N LYS B 91 -38.52 -2.42 21.55
CA LYS B 91 -39.67 -3.30 21.36
C LYS B 91 -39.59 -4.50 22.29
N THR B 92 -40.65 -4.70 23.06
CA THR B 92 -40.71 -5.82 23.99
C THR B 92 -41.82 -6.78 23.59
N VAL B 93 -41.43 -8.03 23.30
CA VAL B 93 -42.37 -9.11 23.01
C VAL B 93 -42.36 -10.01 24.24
N TYR B 94 -43.55 -10.31 24.77
CA TYR B 94 -43.71 -11.12 25.96
C TYR B 94 -43.83 -12.59 25.63
N TRP B 95 -43.46 -13.44 26.58
CA TRP B 95 -43.67 -14.87 26.44
C TRP B 95 -45.10 -15.23 26.70
N ASP B 96 -45.62 -16.15 25.89
CA ASP B 96 -46.93 -16.74 26.08
C ASP B 96 -46.86 -18.26 25.83
N ARG B 97 -47.20 -19.05 26.86
CA ARG B 97 -47.15 -20.53 26.79
C ARG B 97 -47.98 -21.15 25.65
N THR C 3 9.91 0.39 8.97
CA THR C 3 11.22 -0.30 8.86
C THR C 3 11.06 -1.72 8.31
N GLN C 4 10.01 -1.92 7.49
CA GLN C 4 9.66 -3.24 6.97
C GLN C 4 10.44 -3.63 5.71
N VAL C 5 11.31 -2.74 5.24
CA VAL C 5 12.19 -3.06 4.13
C VAL C 5 13.64 -2.68 4.47
N GLU C 6 14.49 -3.70 4.57
CA GLU C 6 15.90 -3.52 4.94
C GLU C 6 16.86 -3.98 3.83
N GLN C 7 17.88 -3.15 3.57
CA GLN C 7 18.85 -3.43 2.52
C GLN C 7 20.26 -3.62 3.05
N SER C 8 21.06 -4.38 2.32
CA SER C 8 22.41 -4.76 2.74
C SER C 8 23.29 -4.98 1.50
N PRO C 9 24.56 -4.54 1.54
CA PRO C 9 25.16 -3.73 2.60
C PRO C 9 24.65 -2.29 2.57
N GLN C 10 24.96 -1.52 3.60
CA GLN C 10 24.67 -0.10 3.61
C GLN C 10 25.42 0.60 2.47
N SER C 11 26.70 0.28 2.31
CA SER C 11 27.49 0.79 1.18
C SER C 11 28.65 -0.13 0.83
N LEU C 12 29.04 -0.13 -0.45
CA LEU C 12 30.19 -0.92 -0.87
C LEU C 12 31.02 -0.29 -2.01
N VAL C 13 32.34 -0.48 -1.94
CA VAL C 13 33.26 0.02 -2.95
C VAL C 13 33.80 -1.16 -3.75
N VAL C 14 33.73 -1.08 -5.08
CA VAL C 14 34.18 -2.18 -5.94
C VAL C 14 35.00 -1.61 -7.08
N ARG C 15 35.88 -2.42 -7.64
CA ARG C 15 36.65 -1.98 -8.78
C ARG C 15 35.87 -2.26 -10.06
N GLN C 16 35.99 -1.38 -11.04
CA GLN C 16 35.37 -1.55 -12.36
C GLN C 16 35.66 -2.94 -12.92
N GLY C 17 34.62 -3.64 -13.36
CA GLY C 17 34.80 -4.97 -13.93
C GLY C 17 34.42 -6.09 -12.99
N GLU C 18 34.54 -5.86 -11.68
CA GLU C 18 34.18 -6.87 -10.70
C GLU C 18 32.66 -6.96 -10.62
N ASN C 19 32.14 -8.05 -10.06
CA ASN C 19 30.71 -8.20 -9.82
C ASN C 19 30.34 -7.82 -8.40
N CYS C 20 29.04 -7.64 -8.15
CA CYS C 20 28.54 -7.43 -6.79
C CYS C 20 27.07 -7.79 -6.66
N VAL C 21 26.67 -8.06 -5.42
CA VAL C 21 25.35 -8.58 -5.08
C VAL C 21 24.73 -7.69 -4.01
N LEU C 22 23.50 -7.27 -4.21
CA LEU C 22 22.81 -6.47 -3.20
C LEU C 22 21.64 -7.25 -2.61
N GLN C 23 21.47 -7.16 -1.29
CA GLN C 23 20.39 -7.88 -0.60
C GLN C 23 19.23 -6.94 -0.30
N CYS C 24 18.04 -7.52 -0.23
CA CYS C 24 16.86 -6.84 0.27
C CYS C 24 16.01 -7.82 1.05
N ASN C 25 15.80 -7.54 2.33
CA ASN C 25 14.92 -8.35 3.15
C ASN C 25 13.77 -7.53 3.70
N TYR C 26 12.57 -8.09 3.69
CA TYR C 26 11.39 -7.34 4.08
C TYR C 26 10.41 -8.12 4.95
N SER C 27 9.47 -7.39 5.54
CA SER C 27 8.38 -8.01 6.29
C SER C 27 6.99 -7.51 5.83
N VAL C 28 6.94 -6.76 4.72
CA VAL C 28 5.67 -6.29 4.16
C VAL C 28 4.69 -7.46 3.93
N THR C 29 3.39 -7.20 4.10
CA THR C 29 2.35 -8.23 3.99
C THR C 29 1.01 -7.67 3.51
N PRO C 30 0.50 -8.16 2.37
CA PRO C 30 1.15 -9.17 1.52
C PRO C 30 2.21 -8.53 0.64
N ASP C 31 2.91 -9.37 -0.12
CA ASP C 31 4.01 -8.94 -0.98
C ASP C 31 3.72 -9.25 -2.45
N ASN C 32 2.90 -8.41 -3.07
CA ASN C 32 2.57 -8.57 -4.49
C ASN C 32 3.78 -8.53 -5.42
N HIS C 33 4.55 -7.46 -5.34
CA HIS C 33 5.75 -7.37 -6.16
C HIS C 33 6.87 -6.63 -5.48
N LEU C 34 8.07 -6.82 -6.04
CA LEU C 34 9.27 -6.14 -5.60
C LEU C 34 9.92 -5.44 -6.79
N ARG C 35 10.39 -4.20 -6.60
CA ARG C 35 11.00 -3.43 -7.69
C ARG C 35 12.36 -2.84 -7.31
N TRP C 36 13.34 -2.93 -8.21
CA TRP C 36 14.65 -2.33 -7.98
C TRP C 36 14.85 -1.05 -8.73
N PHE C 37 15.17 0.00 -8.00
CA PHE C 37 15.45 1.30 -8.61
C PHE C 37 16.96 1.61 -8.62
N LYS C 38 17.41 2.37 -9.62
CA LYS C 38 18.78 2.92 -9.64
C LYS C 38 18.65 4.43 -9.57
N GLN C 39 19.41 5.06 -8.66
CA GLN C 39 19.35 6.53 -8.48
C GLN C 39 20.73 7.19 -8.44
N ASP C 40 21.10 7.81 -9.57
CA ASP C 40 22.32 8.61 -9.67
C ASP C 40 22.28 9.80 -8.72
N THR C 41 23.44 10.20 -8.21
CA THR C 41 23.54 11.36 -7.32
C THR C 41 22.99 12.58 -8.04
N GLY C 42 21.96 13.18 -7.43
CA GLY C 42 21.26 14.31 -8.02
C GLY C 42 20.02 13.87 -8.77
N LYS C 43 20.14 12.82 -9.58
CA LYS C 43 19.04 12.33 -10.39
C LYS C 43 17.87 11.73 -9.56
N GLY C 44 16.91 11.15 -10.28
CA GLY C 44 15.80 10.46 -9.65
C GLY C 44 15.83 9.00 -10.05
N LEU C 45 14.66 8.36 -9.96
CA LEU C 45 14.56 6.92 -9.85
C LEU C 45 14.35 6.26 -11.19
N VAL C 46 15.34 5.50 -11.64
CA VAL C 46 15.17 4.66 -12.83
C VAL C 46 14.90 3.20 -12.44
N SER C 47 13.76 2.66 -12.85
CA SER C 47 13.38 1.26 -12.57
C SER C 47 14.19 0.22 -13.34
N LEU C 48 14.72 -0.78 -12.66
CA LEU C 48 15.59 -1.75 -13.34
C LEU C 48 14.87 -3.05 -13.68
N THR C 49 13.99 -3.48 -12.76
CA THR C 49 13.25 -4.71 -12.92
C THR C 49 12.17 -4.79 -11.84
N VAL C 50 11.20 -5.67 -12.08
CA VAL C 50 10.10 -5.87 -11.15
C VAL C 50 9.80 -7.37 -11.06
N LEU C 51 10.02 -7.95 -9.89
CA LEU C 51 9.82 -9.39 -9.68
C LEU C 51 8.44 -9.64 -9.09
N VAL C 52 7.66 -10.53 -9.69
CA VAL C 52 6.24 -10.68 -9.29
C VAL C 52 5.82 -12.04 -8.72
N ASP C 53 6.52 -13.10 -9.11
CA ASP C 53 6.16 -14.45 -8.75
C ASP C 53 6.69 -14.88 -7.38
N GLN C 54 6.14 -15.97 -6.84
CA GLN C 54 6.55 -16.52 -5.55
C GLN C 54 8.05 -16.79 -5.52
N LYS C 55 8.53 -17.47 -6.55
CA LYS C 55 9.95 -17.61 -6.82
C LYS C 55 10.10 -17.03 -8.21
N ASP C 56 10.77 -15.89 -8.30
CA ASP C 56 10.93 -15.20 -9.57
C ASP C 56 12.37 -14.86 -9.83
N LYS C 57 12.72 -14.85 -11.12
CA LYS C 57 14.04 -14.49 -11.60
C LYS C 57 13.89 -13.51 -12.76
N THR C 58 14.73 -12.48 -12.80
CA THR C 58 14.71 -11.55 -13.93
C THR C 58 16.12 -11.13 -14.30
N SER C 59 16.24 -10.52 -15.48
CA SER C 59 17.49 -9.91 -15.93
C SER C 59 17.20 -8.74 -16.87
N ASN C 60 18.15 -7.82 -16.94
CA ASN C 60 18.03 -6.63 -17.76
C ASN C 60 19.44 -6.11 -17.97
N GLY C 61 19.99 -6.40 -19.15
CA GLY C 61 21.41 -6.14 -19.45
C GLY C 61 22.34 -6.90 -18.52
N ARG C 62 23.23 -6.16 -17.87
CA ARG C 62 24.18 -6.71 -16.90
C ARG C 62 23.57 -6.90 -15.52
N TYR C 63 22.36 -6.35 -15.33
CA TYR C 63 21.60 -6.49 -14.08
C TYR C 63 20.77 -7.74 -14.14
N SER C 64 20.81 -8.52 -13.06
CA SER C 64 19.87 -9.63 -12.86
C SER C 64 19.38 -9.61 -11.41
N ALA C 65 18.31 -10.35 -11.15
CA ALA C 65 17.59 -10.23 -9.87
C ALA C 65 16.73 -11.45 -9.56
N THR C 66 16.74 -11.84 -8.30
CA THR C 66 15.90 -12.93 -7.83
C THR C 66 14.95 -12.45 -6.75
N LEU C 67 13.85 -13.19 -6.57
CA LEU C 67 12.91 -12.94 -5.47
C LEU C 67 12.44 -14.26 -4.93
N ASP C 68 12.59 -14.45 -3.63
CA ASP C 68 11.97 -15.56 -2.94
C ASP C 68 10.96 -15.02 -1.93
N LYS C 69 9.67 -15.16 -2.28
CA LYS C 69 8.61 -14.61 -1.45
C LYS C 69 8.47 -15.35 -0.13
N ASP C 70 8.66 -16.66 -0.16
CA ASP C 70 8.65 -17.45 1.07
C ASP C 70 9.69 -16.96 2.07
N ALA C 71 10.92 -16.75 1.60
CA ALA C 71 12.00 -16.22 2.45
C ALA C 71 11.90 -14.70 2.60
N LYS C 72 10.99 -14.07 1.85
CA LYS C 72 10.83 -12.62 1.84
C LYS C 72 12.20 -11.97 1.69
N HIS C 73 12.81 -12.20 0.54
CA HIS C 73 14.22 -11.91 0.29
C HIS C 73 14.44 -11.74 -1.18
N SER C 74 15.27 -10.78 -1.55
CA SER C 74 15.59 -10.54 -2.95
C SER C 74 17.04 -10.11 -3.11
N THR C 75 17.63 -10.43 -4.26
CA THR C 75 18.99 -9.96 -4.56
C THR C 75 19.07 -9.30 -5.92
N LEU C 76 19.89 -8.25 -6.02
CA LEU C 76 20.22 -7.66 -7.31
C LEU C 76 21.70 -7.90 -7.62
N HIS C 77 21.94 -8.61 -8.73
CA HIS C 77 23.30 -8.93 -9.17
C HIS C 77 23.67 -7.98 -10.26
N ILE C 78 24.78 -7.28 -10.11
CA ILE C 78 25.37 -6.53 -11.22
C ILE C 78 26.57 -7.30 -11.78
N THR C 79 26.53 -7.63 -13.06
CA THR C 79 27.67 -8.29 -13.71
C THR C 79 28.59 -7.24 -14.33
N ALA C 80 29.90 -7.46 -14.20
CA ALA C 80 30.93 -6.58 -14.76
C ALA C 80 30.58 -5.10 -14.58
N THR C 81 30.71 -4.62 -13.33
CA THR C 81 30.36 -3.24 -13.00
C THR C 81 31.12 -2.25 -13.87
N LEU C 82 30.41 -1.21 -14.32
CA LEU C 82 31.01 -0.08 -15.02
C LEU C 82 30.98 1.12 -14.11
N LEU C 83 31.61 2.20 -14.57
CA LEU C 83 31.72 3.42 -13.79
C LEU C 83 30.34 4.06 -13.55
N ASP C 84 29.47 4.00 -14.56
CA ASP C 84 28.09 4.49 -14.46
C ASP C 84 27.20 3.75 -13.45
N ASP C 85 27.72 2.71 -12.82
CA ASP C 85 26.94 1.95 -11.86
C ASP C 85 26.96 2.65 -10.51
N THR C 86 27.90 3.59 -10.34
CA THR C 86 28.01 4.39 -9.12
C THR C 86 26.70 5.14 -8.85
N ALA C 87 26.01 4.73 -7.79
CA ALA C 87 24.67 5.22 -7.52
C ALA C 87 24.12 4.55 -6.26
N THR C 88 22.87 4.86 -5.93
CA THR C 88 22.19 4.24 -4.80
C THR C 88 21.16 3.27 -5.36
N TYR C 89 21.09 2.08 -4.79
CA TYR C 89 20.14 1.08 -5.27
C TYR C 89 19.01 0.90 -4.26
N ILE C 90 17.80 1.21 -4.70
CA ILE C 90 16.65 1.24 -3.82
C ILE C 90 15.73 0.05 -4.07
N CYS C 91 15.32 -0.59 -2.97
CA CYS C 91 14.41 -1.71 -2.99
C CYS C 91 13.00 -1.23 -2.65
N VAL C 92 12.00 -1.69 -3.40
CA VAL C 92 10.62 -1.27 -3.16
C VAL C 92 9.61 -2.40 -3.26
N VAL C 93 8.91 -2.64 -2.15
CA VAL C 93 7.88 -3.69 -2.08
C VAL C 93 6.47 -3.07 -2.18
N GLY C 94 5.64 -3.67 -3.03
CA GLY C 94 4.27 -3.21 -3.26
C GLY C 94 3.30 -4.25 -2.75
N ASP C 95 2.45 -3.84 -1.82
CA ASP C 95 1.57 -4.79 -1.10
C ASP C 95 0.25 -5.14 -1.81
N ARG C 96 -0.01 -4.52 -2.96
CA ARG C 96 -1.14 -4.88 -3.81
C ARG C 96 -0.78 -4.96 -5.28
N GLY C 97 -1.57 -5.73 -6.04
CA GLY C 97 -1.48 -5.73 -7.50
C GLY C 97 -2.36 -4.70 -8.22
N SER C 98 -2.69 -3.60 -7.52
CA SER C 98 -3.53 -2.54 -8.07
C SER C 98 -3.22 -1.21 -7.40
N ALA C 99 -3.82 -0.12 -7.88
CA ALA C 99 -3.56 1.21 -7.35
C ALA C 99 -4.07 1.39 -5.93
N LEU C 100 -4.61 0.31 -5.36
CA LEU C 100 -5.06 0.32 -3.97
C LEU C 100 -3.91 0.09 -2.99
N GLY C 101 -2.75 -0.31 -3.53
CA GLY C 101 -1.57 -0.59 -2.72
C GLY C 101 -0.76 0.61 -2.29
N ARG C 102 0.10 0.39 -1.32
CA ARG C 102 1.07 1.37 -0.89
C ARG C 102 2.44 0.77 -1.21
N LEU C 103 3.41 1.63 -1.53
CA LEU C 103 4.78 1.17 -1.71
C LEU C 103 5.59 1.37 -0.43
N HIS C 104 6.54 0.48 -0.21
CA HIS C 104 7.36 0.47 0.98
C HIS C 104 8.80 0.47 0.55
N PHE C 105 9.45 1.63 0.72
CA PHE C 105 10.82 1.86 0.22
C PHE C 105 11.87 1.53 1.26
N GLY C 106 12.92 0.84 0.85
CA GLY C 106 14.09 0.65 1.70
C GLY C 106 14.92 1.90 1.61
N ALA C 107 15.91 2.05 2.49
CA ALA C 107 16.77 3.23 2.48
C ALA C 107 17.78 3.26 1.33
N GLY C 108 18.04 2.11 0.71
CA GLY C 108 19.04 2.07 -0.34
C GLY C 108 20.35 1.38 0.02
N THR C 109 21.17 1.13 -0.99
CA THR C 109 22.52 0.61 -0.83
C THR C 109 23.40 1.47 -1.73
N GLN C 110 24.42 2.08 -1.17
CA GLN C 110 25.28 2.97 -1.93
C GLN C 110 26.42 2.18 -2.60
N LEU C 111 26.46 2.22 -3.93
CA LEU C 111 27.53 1.57 -4.66
C LEU C 111 28.46 2.60 -5.24
N ILE C 112 29.75 2.43 -4.98
CA ILE C 112 30.79 3.22 -5.63
C ILE C 112 31.73 2.27 -6.40
N VAL C 113 32.02 2.64 -7.64
CA VAL C 113 32.82 1.82 -8.55
C VAL C 113 34.11 2.53 -8.89
N ILE C 114 35.24 1.90 -8.57
CA ILE C 114 36.56 2.50 -8.79
C ILE C 114 36.98 2.31 -10.25
N PRO C 115 37.24 3.43 -10.97
CA PRO C 115 37.61 3.42 -12.39
C PRO C 115 38.94 2.73 -12.69
N ASP C 116 39.01 2.05 -13.84
CA ASP C 116 40.20 1.29 -14.22
C ASP C 116 41.11 2.06 -15.19
N ILE C 117 42.06 2.83 -14.64
CA ILE C 117 43.00 3.60 -15.48
C ILE C 117 44.16 2.72 -15.94
N GLN C 118 44.15 2.41 -17.24
CA GLN C 118 45.13 1.49 -17.84
C GLN C 118 46.52 2.11 -17.90
N ASN C 119 46.58 3.37 -18.35
CA ASN C 119 47.85 4.00 -18.67
C ASN C 119 48.08 5.36 -18.00
N PRO C 120 48.36 5.36 -16.68
CA PRO C 120 48.61 6.59 -15.94
C PRO C 120 49.72 7.42 -16.58
N ASP C 121 49.64 8.74 -16.41
CA ASP C 121 50.57 9.69 -17.00
C ASP C 121 50.55 10.99 -16.17
N PRO C 122 50.74 10.87 -14.83
CA PRO C 122 50.56 12.00 -13.92
C PRO C 122 51.31 13.29 -14.29
N ALA C 123 50.56 14.37 -14.44
CA ALA C 123 51.11 15.68 -14.72
C ALA C 123 50.38 16.74 -13.90
N VAL C 124 51.00 17.92 -13.78
CA VAL C 124 50.38 19.09 -13.16
C VAL C 124 50.61 20.29 -14.07
N TYR C 125 49.55 20.70 -14.77
CA TYR C 125 49.63 21.82 -15.70
C TYR C 125 49.08 23.07 -15.03
N GLN C 126 49.42 24.23 -15.62
CA GLN C 126 48.85 25.53 -15.25
C GLN C 126 47.87 25.99 -16.33
N LEU C 127 46.77 26.62 -15.90
CA LEU C 127 45.72 27.08 -16.80
C LEU C 127 45.40 28.56 -16.56
N ARG C 128 45.14 29.30 -17.64
CA ARG C 128 44.91 30.76 -17.58
C ARG C 128 43.44 31.14 -17.61
N ASP C 129 43.06 32.16 -16.83
CA ASP C 129 41.71 32.75 -16.94
C ASP C 129 41.52 33.40 -18.32
N SER C 130 40.39 33.11 -18.94
CA SER C 130 40.08 33.60 -20.29
C SER C 130 39.94 35.12 -20.39
N LYS C 131 39.47 35.76 -19.32
CA LYS C 131 39.29 37.21 -19.32
C LYS C 131 40.47 37.92 -18.66
N SER C 132 41.03 37.32 -17.62
CA SER C 132 42.08 37.95 -16.82
C SER C 132 43.26 37.02 -16.70
N SER C 133 44.22 37.14 -17.62
CA SER C 133 45.30 36.17 -17.77
C SER C 133 46.30 36.12 -16.60
N ASP C 134 46.05 36.92 -15.57
CA ASP C 134 46.93 36.96 -14.40
C ASP C 134 46.49 36.10 -13.20
N LYS C 135 45.22 35.69 -13.19
CA LYS C 135 44.73 34.70 -12.23
C LYS C 135 44.66 33.32 -12.90
N SER C 136 44.97 32.26 -12.16
CA SER C 136 45.07 30.93 -12.75
C SER C 136 44.75 29.74 -11.82
N VAL C 137 44.77 28.54 -12.37
CA VAL C 137 44.53 27.30 -11.62
C VAL C 137 45.59 26.25 -11.96
N CYS C 138 45.75 25.28 -11.06
CA CYS C 138 46.68 24.18 -11.25
C CYS C 138 45.92 22.88 -11.33
N LEU C 139 46.19 22.10 -12.39
CA LEU C 139 45.45 20.88 -12.64
C LEU C 139 46.33 19.62 -12.57
N PHE C 140 46.10 18.83 -11.53
CA PHE C 140 46.72 17.51 -11.39
C PHE C 140 45.87 16.47 -12.15
N THR C 141 46.42 15.91 -13.22
CA THR C 141 45.64 14.99 -14.05
C THR C 141 46.34 13.67 -14.39
N ASP C 142 45.56 12.75 -14.97
CA ASP C 142 46.03 11.48 -15.52
C ASP C 142 46.74 10.53 -14.53
N PHE C 143 46.46 10.70 -13.24
CA PHE C 143 46.95 9.75 -12.23
C PHE C 143 45.99 8.59 -12.09
N ASP C 144 46.46 7.48 -11.52
CA ASP C 144 45.59 6.32 -11.32
C ASP C 144 44.86 6.36 -9.96
N SER C 145 43.96 5.40 -9.75
CA SER C 145 43.07 5.43 -8.60
C SER C 145 43.72 4.98 -7.29
N GLN C 146 44.92 4.41 -7.39
CA GLN C 146 45.73 4.13 -6.21
C GLN C 146 46.24 5.43 -5.56
N THR C 147 46.31 6.51 -6.36
CA THR C 147 46.66 7.84 -5.85
C THR C 147 45.45 8.56 -5.24
N ASN C 148 45.65 9.11 -4.05
CA ASN C 148 44.61 9.89 -3.36
C ASN C 148 45.06 11.33 -3.14
N VAL C 149 44.11 12.27 -3.26
CA VAL C 149 44.40 13.71 -3.13
C VAL C 149 44.06 14.19 -1.72
N SER C 150 44.88 15.09 -1.20
CA SER C 150 44.70 15.58 0.17
C SER C 150 44.44 17.07 0.19
N GLN C 151 43.38 17.48 0.89
CA GLN C 151 42.99 18.89 1.05
C GLN C 151 44.13 19.73 1.65
N SER C 152 44.14 21.03 1.32
CA SER C 152 45.31 21.91 1.50
C SER C 152 45.86 22.08 2.92
N LYS C 153 47.16 22.41 2.98
CA LYS C 153 47.81 22.85 4.22
C LYS C 153 47.31 24.24 4.59
N ASP C 154 47.62 25.23 3.76
CA ASP C 154 47.08 26.58 3.90
C ASP C 154 45.57 26.58 3.72
N SER C 155 44.85 27.31 4.56
CA SER C 155 43.40 27.45 4.44
C SER C 155 42.99 28.43 3.35
N ASP C 156 43.95 29.26 2.92
CA ASP C 156 43.76 30.22 1.83
C ASP C 156 44.10 29.62 0.45
N VAL C 157 44.57 28.38 0.46
CA VAL C 157 44.72 27.58 -0.75
C VAL C 157 43.61 26.52 -0.78
N TYR C 158 43.15 26.15 -1.98
CA TYR C 158 42.08 25.16 -2.14
C TYR C 158 42.47 24.01 -3.05
N ILE C 159 42.08 22.81 -2.68
CA ILE C 159 42.25 21.64 -3.52
C ILE C 159 40.93 20.88 -3.51
N THR C 160 40.43 20.59 -4.69
CA THR C 160 39.20 19.83 -4.84
C THR C 160 39.58 18.37 -4.77
N ASP C 161 38.63 17.52 -4.36
CA ASP C 161 38.85 16.08 -4.35
C ASP C 161 38.87 15.55 -5.78
N LYS C 162 39.60 14.46 -5.98
CA LYS C 162 39.73 13.81 -7.30
C LYS C 162 38.37 13.49 -7.90
N CYS C 163 38.31 13.42 -9.22
CA CYS C 163 37.07 13.18 -9.93
C CYS C 163 37.37 12.55 -11.31
N VAL C 164 36.57 11.58 -11.74
CA VAL C 164 36.83 10.88 -13.01
C VAL C 164 35.91 11.32 -14.17
N LEU C 165 36.49 11.52 -15.36
CA LEU C 165 35.70 11.94 -16.53
C LEU C 165 35.86 10.97 -17.69
N ASP C 166 34.81 10.85 -18.51
CA ASP C 166 34.78 9.86 -19.57
C ASP C 166 34.59 10.46 -20.96
N MET C 167 35.66 10.43 -21.76
CA MET C 167 35.57 10.80 -23.16
C MET C 167 35.01 9.59 -23.88
N ARG C 168 33.68 9.51 -23.93
CA ARG C 168 32.98 8.31 -24.37
C ARG C 168 33.33 7.90 -25.80
N SER C 169 33.37 8.88 -26.70
CA SER C 169 33.70 8.66 -28.12
C SER C 169 35.12 8.14 -28.36
N MET C 170 35.95 8.18 -27.32
CA MET C 170 37.33 7.72 -27.40
C MET C 170 37.62 6.52 -26.49
N ASP C 171 36.64 6.18 -25.64
CA ASP C 171 36.80 5.19 -24.57
C ASP C 171 38.07 5.51 -23.78
N PHE C 172 37.98 6.61 -23.02
CA PHE C 172 39.12 7.13 -22.30
C PHE C 172 38.67 7.80 -21.00
N LYS C 173 39.15 7.27 -19.88
CA LYS C 173 38.81 7.81 -18.58
C LYS C 173 40.05 8.45 -17.95
N SER C 174 39.87 9.57 -17.26
CA SER C 174 41.00 10.24 -16.59
C SER C 174 40.59 10.89 -15.28
N ASN C 175 41.44 10.69 -14.27
CA ASN C 175 41.29 11.33 -12.98
C ASN C 175 41.82 12.74 -13.06
N SER C 176 41.22 13.62 -12.27
CA SER C 176 41.69 15.01 -12.19
C SER C 176 41.28 15.65 -10.87
N ALA C 177 42.17 16.47 -10.33
CA ALA C 177 41.84 17.39 -9.25
C ALA C 177 42.42 18.78 -9.50
N VAL C 178 41.77 19.80 -8.97
CA VAL C 178 42.14 21.20 -9.25
C VAL C 178 42.63 21.88 -7.98
N ALA C 179 43.69 22.66 -8.11
CA ALA C 179 44.18 23.48 -7.00
C ALA C 179 44.26 24.92 -7.43
N TRP C 180 44.11 25.83 -6.47
CA TRP C 180 44.27 27.27 -6.70
C TRP C 180 44.36 28.03 -5.41
N SER C 181 44.79 29.28 -5.52
CA SER C 181 44.78 30.24 -4.43
C SER C 181 44.71 31.65 -5.02
N ASN C 182 44.01 32.55 -4.34
CA ASN C 182 43.89 33.94 -4.80
C ASN C 182 45.19 34.75 -4.62
N LYS C 183 45.93 34.44 -3.57
CA LYS C 183 47.20 35.10 -3.27
C LYS C 183 48.14 34.18 -2.50
N ASP C 185 52.80 34.14 -5.34
CA ASP C 185 53.67 33.44 -4.40
C ASP C 185 53.21 32.00 -4.15
N PHE C 186 52.07 31.64 -4.75
CA PHE C 186 51.60 30.24 -4.82
C PHE C 186 51.76 29.71 -6.25
N ALA C 187 52.44 28.57 -6.38
CA ALA C 187 52.72 27.99 -7.71
C ALA C 187 52.40 26.49 -7.81
N CYS C 188 52.27 26.01 -9.04
CA CYS C 188 51.77 24.68 -9.37
C CYS C 188 52.58 23.51 -8.81
N ALA C 189 53.91 23.61 -8.87
CA ALA C 189 54.79 22.56 -8.36
C ALA C 189 54.74 22.45 -6.84
N ASN C 190 54.23 23.50 -6.19
CA ASN C 190 54.07 23.56 -4.74
C ASN C 190 52.64 23.21 -4.29
N ALA C 191 51.74 23.11 -5.25
CA ALA C 191 50.32 22.94 -4.98
C ALA C 191 49.93 21.64 -4.28
N PHE C 192 50.65 20.55 -4.57
CA PHE C 192 50.26 19.22 -4.09
C PHE C 192 51.26 18.51 -3.17
N ASN C 193 52.21 19.26 -2.60
CA ASN C 193 53.16 18.76 -1.61
C ASN C 193 52.43 17.96 -0.54
N ASN C 194 51.21 18.39 -0.26
CA ASN C 194 50.36 17.83 0.78
C ASN C 194 49.80 16.41 0.48
N SER C 195 50.01 15.93 -0.75
CA SER C 195 49.55 14.59 -1.16
C SER C 195 50.73 13.72 -1.59
N ILE C 196 50.62 12.41 -1.32
CA ILE C 196 51.58 11.44 -1.85
C ILE C 196 51.30 11.21 -3.34
N ILE C 197 51.91 12.04 -4.18
CA ILE C 197 51.75 11.97 -5.63
C ILE C 197 52.85 11.08 -6.23
N PRO C 198 52.57 10.40 -7.36
CA PRO C 198 53.61 9.56 -7.98
C PRO C 198 54.94 10.30 -8.12
N GLU C 199 56.04 9.58 -7.95
CA GLU C 199 57.39 10.18 -7.97
C GLU C 199 57.84 10.65 -9.36
N ASP C 200 57.13 10.23 -10.41
CA ASP C 200 57.47 10.59 -11.79
C ASP C 200 56.47 11.55 -12.46
N THR C 201 55.77 12.33 -11.63
CA THR C 201 54.77 13.30 -12.09
C THR C 201 55.42 14.39 -12.93
N PHE C 202 54.83 14.66 -14.09
CA PHE C 202 55.32 15.65 -15.05
C PHE C 202 55.01 17.09 -14.64
N PHE C 203 56.05 17.85 -14.27
CA PHE C 203 55.95 19.28 -13.98
C PHE C 203 56.66 20.10 -15.06
N PRO C 204 55.92 20.59 -16.06
CA PRO C 204 56.50 21.20 -17.26
C PRO C 204 56.83 22.70 -17.11
N SER C 205 57.30 23.30 -18.21
CA SER C 205 57.61 24.74 -18.32
C SER C 205 58.94 25.10 -17.65
N ALA D 3 5.10 7.18 -20.16
CA ALA D 3 4.12 8.09 -19.52
C ALA D 3 4.81 9.08 -18.57
N ALA D 4 5.03 10.31 -19.04
CA ALA D 4 5.87 11.32 -18.37
C ALA D 4 5.16 12.16 -17.30
N VAL D 5 5.96 12.65 -16.34
CA VAL D 5 5.47 13.44 -15.20
C VAL D 5 6.51 14.52 -14.86
N THR D 6 6.07 15.78 -14.77
CA THR D 6 7.01 16.86 -14.46
C THR D 6 6.77 17.54 -13.11
N GLN D 7 7.82 18.17 -12.59
CA GLN D 7 7.75 18.91 -11.34
C GLN D 7 8.33 20.31 -11.52
N SER D 8 7.76 21.29 -10.83
CA SER D 8 8.28 22.65 -10.87
C SER D 8 8.06 23.31 -9.53
N PRO D 9 9.08 24.03 -9.00
CA PRO D 9 10.43 24.14 -9.54
C PRO D 9 11.17 22.85 -9.31
N ARG D 10 12.33 22.72 -9.95
CA ARG D 10 13.18 21.57 -9.74
C ARG D 10 14.05 21.80 -8.51
N ASN D 11 14.23 23.07 -8.16
CA ASN D 11 15.11 23.46 -7.08
C ASN D 11 14.66 24.79 -6.49
N LYS D 12 14.60 24.87 -5.16
CA LYS D 12 14.09 26.06 -4.48
C LYS D 12 14.78 26.33 -3.15
N VAL D 13 15.20 27.57 -2.98
CA VAL D 13 15.66 28.07 -1.70
C VAL D 13 14.57 29.00 -1.15
N ALA D 14 14.29 28.86 0.15
CA ALA D 14 13.14 29.51 0.80
C ALA D 14 13.49 29.87 2.23
N VAL D 15 12.71 30.77 2.83
CA VAL D 15 12.95 31.17 4.21
C VAL D 15 11.88 30.70 5.17
N THR D 16 12.29 30.32 6.39
CA THR D 16 11.35 29.98 7.47
C THR D 16 10.18 30.97 7.50
N GLY D 17 8.97 30.43 7.48
CA GLY D 17 7.77 31.25 7.60
C GLY D 17 7.11 31.42 6.26
N GLY D 18 7.93 31.44 5.21
CA GLY D 18 7.47 31.60 3.83
C GLY D 18 6.54 30.49 3.34
N LYS D 19 5.80 30.79 2.30
CA LYS D 19 4.92 29.84 1.66
C LYS D 19 5.63 29.30 0.43
N VAL D 20 5.66 27.98 0.29
CA VAL D 20 6.25 27.35 -0.89
C VAL D 20 5.22 26.42 -1.50
N THR D 21 5.15 26.40 -2.85
CA THR D 21 4.29 25.46 -3.56
C THR D 21 5.10 24.61 -4.53
N LEU D 22 4.93 23.30 -4.43
CA LEU D 22 5.53 22.39 -5.37
C LEU D 22 4.41 21.82 -6.23
N SER D 23 4.65 21.72 -7.53
CA SER D 23 3.59 21.34 -8.46
C SER D 23 3.99 20.20 -9.36
N CYS D 24 3.00 19.40 -9.73
CA CYS D 24 3.23 18.24 -10.54
C CYS D 24 2.24 18.18 -11.69
N ASN D 25 2.76 18.31 -12.90
CA ASN D 25 1.94 18.13 -14.10
C ASN D 25 2.16 16.74 -14.70
N GLN D 26 1.05 16.09 -15.06
CA GLN D 26 1.01 14.72 -15.55
C GLN D 26 0.00 14.61 -16.71
N THR D 27 0.47 14.19 -17.88
CA THR D 27 -0.35 14.25 -19.13
C THR D 27 -1.06 12.95 -19.54
N ASN D 28 -0.84 11.87 -18.80
CA ASN D 28 -1.25 10.51 -19.20
C ASN D 28 -2.69 10.16 -18.86
N ASN D 29 -3.45 11.14 -18.39
CA ASN D 29 -4.81 10.92 -17.91
C ASN D 29 -4.84 9.82 -16.81
N HIS D 30 -4.26 10.14 -15.65
CA HIS D 30 -4.16 9.21 -14.54
C HIS D 30 -4.97 9.71 -13.39
N ASN D 31 -5.91 8.90 -12.93
CA ASN D 31 -6.72 9.28 -11.77
C ASN D 31 -5.88 9.63 -10.54
N ASN D 32 -4.78 8.91 -10.35
CA ASN D 32 -4.07 8.90 -9.08
C ASN D 32 -2.72 9.57 -9.08
N MET D 33 -2.49 10.40 -8.06
CA MET D 33 -1.21 11.09 -7.92
C MET D 33 -0.71 11.08 -6.47
N TYR D 34 0.60 11.22 -6.29
CA TYR D 34 1.25 11.01 -4.99
C TYR D 34 2.43 11.96 -4.81
N TRP D 35 2.64 12.43 -3.57
CA TRP D 35 3.82 13.21 -3.22
C TRP D 35 4.61 12.52 -2.17
N TYR D 36 5.90 12.30 -2.44
CA TYR D 36 6.84 11.73 -1.47
C TYR D 36 7.95 12.72 -1.09
N ARG D 37 8.61 12.45 0.04
CA ARG D 37 9.87 13.13 0.38
C ARG D 37 11.00 12.16 0.75
N GLN D 38 12.17 12.38 0.17
CA GLN D 38 13.32 11.50 0.38
C GLN D 38 14.36 12.20 1.25
N ASP D 39 14.65 11.58 2.38
CA ASP D 39 15.68 12.06 3.30
C ASP D 39 16.69 10.97 3.52
N THR D 40 17.95 11.32 3.27
CA THR D 40 19.05 10.38 3.36
C THR D 40 18.96 9.56 4.65
N GLY D 41 19.10 8.24 4.51
CA GLY D 41 18.95 7.31 5.61
C GLY D 41 17.53 6.81 5.81
N HIS D 42 16.60 7.32 5.01
CA HIS D 42 15.22 6.79 4.98
C HIS D 42 14.84 6.54 3.57
N GLY D 43 13.89 5.63 3.35
CA GLY D 43 13.30 5.47 2.02
C GLY D 43 12.36 6.63 1.75
N LEU D 44 11.77 6.68 0.57
CA LEU D 44 10.75 7.69 0.29
C LEU D 44 9.58 7.51 1.24
N ARG D 45 8.98 8.62 1.67
CA ARG D 45 7.80 8.57 2.55
C ARG D 45 6.63 9.35 1.96
N LEU D 46 5.43 8.78 2.07
CA LEU D 46 4.24 9.36 1.45
C LEU D 46 3.62 10.53 2.25
N ILE D 47 3.48 11.68 1.61
CA ILE D 47 2.99 12.87 2.28
C ILE D 47 1.47 13.00 2.09
N HIS D 48 1.05 13.10 0.84
CA HIS D 48 -0.35 13.22 0.46
C HIS D 48 -0.52 12.47 -0.82
N TYR D 49 -1.74 12.00 -1.07
CA TYR D 49 -2.06 11.44 -2.37
C TYR D 49 -3.45 11.90 -2.83
N SER D 50 -3.79 11.59 -4.08
CA SER D 50 -5.06 11.99 -4.66
C SER D 50 -5.56 10.93 -5.62
N TYR D 51 -6.89 10.75 -5.64
CA TYR D 51 -7.54 9.72 -6.47
C TYR D 51 -8.26 10.33 -7.68
N GLY D 52 -8.40 11.64 -7.67
CA GLY D 52 -9.05 12.34 -8.76
C GLY D 52 -9.26 13.79 -8.43
N ALA D 53 -9.37 14.61 -9.48
CA ALA D 53 -9.71 16.02 -9.36
C ALA D 53 -10.59 16.25 -8.13
N GLY D 54 -10.14 17.12 -7.22
CA GLY D 54 -10.96 17.54 -6.08
C GLY D 54 -10.68 16.80 -4.79
N SER D 55 -10.20 15.56 -4.90
CA SER D 55 -9.87 14.76 -3.74
C SER D 55 -8.39 14.90 -3.41
N THR D 56 -8.09 15.01 -2.12
CA THR D 56 -6.73 14.87 -1.60
C THR D 56 -6.77 13.96 -0.37
N GLU D 57 -5.67 13.26 -0.09
CA GLU D 57 -5.64 12.29 1.01
C GLU D 57 -4.35 12.30 1.83
N LYS D 58 -4.52 12.17 3.14
CA LYS D 58 -3.40 12.13 4.04
C LYS D 58 -2.56 10.88 3.79
N GLY D 59 -1.25 11.07 3.70
CA GLY D 59 -0.29 9.97 3.58
C GLY D 59 0.20 9.55 4.94
N ASP D 60 1.46 9.14 5.03
CA ASP D 60 2.04 8.70 6.31
C ASP D 60 2.58 9.85 7.17
N ILE D 61 3.09 10.89 6.52
CA ILE D 61 3.73 11.99 7.22
C ILE D 61 3.18 13.35 6.77
N PRO D 62 1.86 13.58 6.96
CA PRO D 62 1.20 14.72 6.31
C PRO D 62 1.43 16.08 6.97
N ASP D 63 1.75 16.10 8.26
CA ASP D 63 1.90 17.34 9.02
C ASP D 63 2.86 18.36 8.42
N GLY D 64 2.38 19.60 8.30
CA GLY D 64 3.16 20.69 7.76
C GLY D 64 2.87 20.88 6.28
N TYR D 65 2.06 20.00 5.72
CA TYR D 65 1.79 19.96 4.28
C TYR D 65 0.31 19.93 3.97
N LYS D 66 -0.04 20.53 2.84
CA LYS D 66 -1.41 20.61 2.39
C LYS D 66 -1.42 20.35 0.88
N ALA D 67 -2.22 19.38 0.45
CA ALA D 67 -2.26 19.04 -0.96
C ALA D 67 -3.38 19.79 -1.65
N SER D 68 -3.30 19.84 -2.97
CA SER D 68 -4.31 20.49 -3.80
C SER D 68 -4.36 19.78 -5.15
N ARG D 69 -5.52 19.23 -5.48
CA ARG D 69 -5.72 18.62 -6.79
C ARG D 69 -6.84 19.40 -7.48
N PRO D 70 -6.48 20.54 -8.13
CA PRO D 70 -7.46 21.30 -8.89
C PRO D 70 -7.96 20.53 -10.12
N SER D 71 -7.06 19.88 -10.84
CA SER D 71 -7.42 19.21 -12.08
C SER D 71 -6.80 17.81 -12.23
N GLN D 72 -7.22 17.08 -13.26
CA GLN D 72 -6.70 15.76 -13.54
C GLN D 72 -5.22 15.81 -13.84
N GLU D 73 -4.75 16.97 -14.32
CA GLU D 73 -3.35 17.12 -14.76
C GLU D 73 -2.39 17.58 -13.65
N ASN D 74 -2.91 18.25 -12.61
CA ASN D 74 -2.08 18.90 -11.59
C ASN D 74 -2.25 18.44 -10.15
N PHE D 75 -1.13 18.23 -9.47
CA PHE D 75 -1.15 17.91 -8.04
C PHE D 75 -0.06 18.73 -7.36
N SER D 76 -0.49 19.65 -6.48
CA SER D 76 0.40 20.57 -5.77
C SER D 76 0.56 20.26 -4.29
N LEU D 77 1.81 20.38 -3.82
CA LEU D 77 2.13 20.28 -2.42
C LEU D 77 2.45 21.67 -1.91
N ILE D 78 1.69 22.11 -0.91
CA ILE D 78 1.75 23.48 -0.39
C ILE D 78 2.32 23.50 1.03
N LEU D 79 3.38 24.26 1.21
CA LEU D 79 3.97 24.44 2.52
C LEU D 79 3.58 25.82 2.97
N GLU D 80 2.57 25.87 3.83
CA GLU D 80 1.97 27.12 4.29
C GLU D 80 2.90 27.92 5.18
N LEU D 81 3.83 27.21 5.85
CA LEU D 81 4.80 27.83 6.75
C LEU D 81 6.10 27.04 6.74
N ALA D 82 6.96 27.32 5.76
CA ALA D 82 8.19 26.55 5.58
C ALA D 82 9.01 26.48 6.87
N THR D 83 9.75 25.38 7.02
CA THR D 83 10.48 25.05 8.24
C THR D 83 11.77 24.37 7.85
N PRO D 84 12.88 24.67 8.58
CA PRO D 84 14.17 24.02 8.29
C PRO D 84 14.03 22.53 7.98
N SER D 85 13.17 21.85 8.73
CA SER D 85 12.93 20.40 8.64
C SER D 85 12.24 19.97 7.35
N GLN D 86 11.58 20.90 6.67
CA GLN D 86 10.96 20.61 5.38
C GLN D 86 11.97 20.62 4.22
N THR D 87 13.24 20.81 4.57
CA THR D 87 14.35 20.65 3.64
C THR D 87 14.41 19.19 3.21
N SER D 88 14.38 18.92 1.91
CA SER D 88 14.35 17.54 1.41
C SER D 88 14.40 17.48 -0.13
N VAL D 89 14.45 16.27 -0.68
CA VAL D 89 14.16 16.10 -2.10
C VAL D 89 12.73 15.58 -2.21
N TYR D 90 11.91 16.21 -3.04
CA TYR D 90 10.49 15.90 -3.12
C TYR D 90 10.11 15.23 -4.42
N PHE D 91 9.54 14.03 -4.31
CA PHE D 91 9.15 13.31 -5.50
C PHE D 91 7.66 13.24 -5.65
N CYS D 92 7.25 13.33 -6.90
CA CYS D 92 5.88 13.24 -7.28
C CYS D 92 5.74 12.05 -8.20
N ALA D 93 4.56 11.42 -8.19
CA ALA D 93 4.29 10.28 -9.05
C ALA D 93 2.82 10.22 -9.40
N SER D 94 2.54 9.53 -10.51
CA SER D 94 1.15 9.24 -10.91
C SER D 94 0.97 7.76 -11.32
N GLY D 95 -0.28 7.30 -11.31
CA GLY D 95 -0.62 5.99 -11.86
C GLY D 95 -2.07 5.90 -12.21
N ASP D 96 -2.44 4.88 -12.97
CA ASP D 96 -3.85 4.54 -13.18
C ASP D 96 -4.28 3.55 -12.10
N GLU D 97 -5.19 2.64 -12.42
CA GLU D 97 -5.69 1.63 -11.48
C GLU D 97 -4.75 0.44 -11.30
N GLY D 98 -3.79 0.28 -12.22
CA GLY D 98 -2.72 -0.72 -12.11
C GLY D 98 -1.78 -0.34 -10.98
N TYR D 99 -0.77 -1.17 -10.71
CA TYR D 99 0.13 -0.85 -9.59
C TYR D 99 1.24 0.15 -9.85
N THR D 100 1.86 0.10 -11.02
CA THR D 100 3.01 0.93 -11.32
C THR D 100 2.74 2.41 -11.05
N GLN D 101 3.69 3.06 -10.38
CA GLN D 101 3.71 4.51 -10.27
C GLN D 101 4.87 5.07 -11.11
N TYR D 102 4.59 6.16 -11.82
CA TYR D 102 5.59 6.81 -12.65
C TYR D 102 6.10 8.06 -11.95
N PHE D 103 7.39 8.08 -11.63
CA PHE D 103 7.95 9.11 -10.76
C PHE D 103 8.46 10.32 -11.50
N GLY D 104 8.30 11.48 -10.90
CA GLY D 104 8.85 12.74 -11.41
C GLY D 104 10.37 12.76 -11.28
N PRO D 105 11.01 13.86 -11.72
CA PRO D 105 12.47 13.92 -11.58
C PRO D 105 12.96 14.44 -10.23
N GLY D 106 12.03 14.86 -9.37
CA GLY D 106 12.38 15.36 -8.05
C GLY D 106 12.63 16.86 -7.96
N THR D 107 12.54 17.38 -6.73
CA THR D 107 12.71 18.81 -6.44
C THR D 107 13.47 18.95 -5.14
N ARG D 108 14.64 19.57 -5.18
CA ARG D 108 15.38 19.90 -3.95
C ARG D 108 14.83 21.16 -3.31
N LEU D 109 14.24 21.05 -2.14
CA LEU D 109 13.95 22.24 -1.34
C LEU D 109 14.97 22.45 -0.21
N LEU D 110 15.42 23.69 -0.07
CA LEU D 110 16.19 24.12 1.09
C LEU D 110 15.41 25.19 1.83
N VAL D 111 15.28 25.00 3.13
CA VAL D 111 14.69 26.04 3.96
C VAL D 111 15.75 26.58 4.91
N LEU D 112 16.06 27.86 4.75
CA LEU D 112 17.00 28.54 5.62
C LEU D 112 16.22 29.26 6.72
N GLU D 113 16.85 29.47 7.87
CA GLU D 113 16.24 30.32 8.89
C GLU D 113 16.31 31.79 8.44
N ASP D 114 17.34 32.12 7.67
CA ASP D 114 17.61 33.50 7.31
C ASP D 114 18.33 33.59 5.97
N LEU D 115 17.89 34.53 5.15
CA LEU D 115 18.42 34.69 3.79
C LEU D 115 19.58 35.67 3.67
N ARG D 116 20.05 36.20 4.80
CA ARG D 116 21.03 37.30 4.79
C ARG D 116 22.30 36.95 4.01
N ASN D 117 22.56 35.65 3.87
CA ASN D 117 23.82 35.17 3.30
C ASN D 117 23.78 34.77 1.83
N VAL D 118 22.59 34.66 1.27
CA VAL D 118 22.46 34.28 -0.13
C VAL D 118 23.38 35.18 -0.99
N THR D 119 24.17 34.56 -1.86
CA THR D 119 25.10 35.26 -2.75
C THR D 119 25.29 34.46 -4.03
N PRO D 120 25.15 35.11 -5.20
CA PRO D 120 25.44 34.46 -6.48
C PRO D 120 26.96 34.32 -6.69
N PRO D 121 27.40 33.30 -7.46
CA PRO D 121 28.83 33.01 -7.58
C PRO D 121 29.57 33.83 -8.65
N LYS D 122 30.89 33.92 -8.51
CA LYS D 122 31.73 34.37 -9.63
C LYS D 122 32.11 33.15 -10.46
N VAL D 123 32.03 33.27 -11.77
CA VAL D 123 32.28 32.13 -12.65
C VAL D 123 33.46 32.43 -13.57
N SER D 124 34.58 31.77 -13.35
CA SER D 124 35.70 31.89 -14.26
C SER D 124 35.92 30.59 -15.03
N LEU D 125 36.28 30.74 -16.31
CA LEU D 125 36.71 29.63 -17.14
C LEU D 125 38.21 29.70 -17.35
N PHE D 126 38.87 28.56 -17.25
CA PHE D 126 40.32 28.49 -17.41
C PHE D 126 40.73 27.68 -18.64
N GLU D 127 41.53 28.32 -19.49
CA GLU D 127 41.91 27.77 -20.79
C GLU D 127 42.99 26.69 -20.73
N PRO D 128 42.87 25.68 -21.61
CA PRO D 128 43.78 24.54 -21.77
C PRO D 128 45.25 24.93 -21.79
N SER D 129 46.07 24.07 -21.18
CA SER D 129 47.52 24.26 -21.15
C SER D 129 48.15 23.83 -22.47
N LYS D 130 48.98 24.72 -23.02
CA LYS D 130 49.82 24.44 -24.20
C LYS D 130 50.67 23.19 -23.93
N ALA D 131 51.25 23.15 -22.73
CA ALA D 131 51.98 21.99 -22.26
C ALA D 131 51.14 20.69 -22.32
N GLU D 132 49.91 20.73 -21.79
CA GLU D 132 49.01 19.58 -21.83
C GLU D 132 48.73 19.11 -23.26
N ILE D 133 48.28 20.04 -24.11
CA ILE D 133 47.94 19.76 -25.50
C ILE D 133 49.02 18.94 -26.22
N SER D 134 50.27 19.39 -26.10
CA SER D 134 51.40 18.77 -26.79
C SER D 134 51.81 17.44 -26.20
N HIS D 135 51.46 17.21 -24.93
CA HIS D 135 51.89 16.01 -24.22
C HIS D 135 50.88 14.89 -24.32
N THR D 136 49.60 15.25 -24.39
CA THR D 136 48.50 14.28 -24.31
C THR D 136 47.64 14.26 -25.56
N GLN D 137 47.79 15.29 -26.39
CA GLN D 137 46.91 15.52 -27.54
C GLN D 137 45.47 15.85 -27.12
N LYS D 138 45.32 16.32 -25.88
CA LYS D 138 44.03 16.62 -25.31
C LYS D 138 44.05 17.98 -24.63
N ALA D 139 42.88 18.63 -24.57
CA ALA D 139 42.74 19.95 -24.00
C ALA D 139 41.70 19.99 -22.87
N THR D 140 42.15 20.32 -21.66
CA THR D 140 41.27 20.43 -20.51
C THR D 140 40.91 21.88 -20.20
N LEU D 141 39.62 22.17 -20.28
CA LEU D 141 39.06 23.41 -19.78
C LEU D 141 38.65 23.24 -18.32
N VAL D 142 38.81 24.30 -17.53
CA VAL D 142 38.39 24.26 -16.14
C VAL D 142 37.43 25.42 -15.82
N CYS D 143 36.27 25.04 -15.29
CA CYS D 143 35.36 26.01 -14.77
C CYS D 143 35.47 26.06 -13.26
N LEU D 144 35.28 27.26 -12.73
CA LEU D 144 35.40 27.54 -11.31
C LEU D 144 34.31 28.51 -10.87
N ALA D 145 33.36 28.01 -10.08
CA ALA D 145 32.31 28.86 -9.52
C ALA D 145 32.57 29.02 -8.04
N THR D 146 32.67 30.26 -7.59
CA THR D 146 33.09 30.56 -6.23
C THR D 146 32.31 31.71 -5.59
N GLY D 147 32.27 31.73 -4.27
CA GLY D 147 31.74 32.85 -3.50
C GLY D 147 30.25 32.82 -3.25
N PHE D 148 29.62 31.67 -3.51
CA PHE D 148 28.17 31.58 -3.48
C PHE D 148 27.63 30.91 -2.23
N TYR D 149 26.36 31.22 -1.91
CA TYR D 149 25.63 30.60 -0.80
C TYR D 149 24.14 30.69 -1.10
N PRO D 150 23.37 29.62 -0.81
CA PRO D 150 23.79 28.28 -0.35
C PRO D 150 24.40 27.44 -1.49
N ASP D 151 24.48 26.13 -1.29
CA ASP D 151 25.18 25.25 -2.23
C ASP D 151 24.28 24.74 -3.36
N HIS D 152 23.21 25.45 -3.65
CA HIS D 152 22.28 25.02 -4.70
C HIS D 152 22.63 25.59 -6.04
N VAL D 153 23.64 25.00 -6.66
CA VAL D 153 24.06 25.42 -7.98
C VAL D 153 24.19 24.23 -8.90
N GLU D 154 23.85 24.43 -10.16
CA GLU D 154 24.01 23.40 -11.17
C GLU D 154 24.95 23.91 -12.23
N LEU D 155 26.12 23.31 -12.29
CA LEU D 155 27.10 23.65 -13.31
C LEU D 155 26.85 22.82 -14.58
N SER D 156 26.86 23.46 -15.75
CA SER D 156 26.69 22.77 -17.02
C SER D 156 27.60 23.33 -18.09
N TRP D 157 27.98 22.46 -19.02
CA TRP D 157 28.94 22.77 -20.09
C TRP D 157 28.29 22.83 -21.43
N TRP D 158 28.53 23.93 -22.13
CA TRP D 158 27.95 24.12 -23.46
C TRP D 158 28.99 24.36 -24.50
N VAL D 159 28.80 23.69 -25.64
CA VAL D 159 29.65 23.82 -26.81
C VAL D 159 28.75 24.13 -28.01
N ASN D 160 28.91 25.35 -28.53
CA ASN D 160 28.09 25.87 -29.61
C ASN D 160 26.60 25.80 -29.35
N GLY D 161 26.20 26.35 -28.20
CA GLY D 161 24.79 26.46 -27.83
C GLY D 161 24.12 25.15 -27.46
N LYS D 162 24.92 24.08 -27.42
CA LYS D 162 24.41 22.78 -27.05
C LYS D 162 25.18 22.20 -25.88
N GLU D 163 24.46 21.65 -24.91
CA GLU D 163 25.04 21.08 -23.71
C GLU D 163 25.73 19.77 -24.03
N VAL D 164 26.94 19.59 -23.49
CA VAL D 164 27.73 18.37 -23.66
C VAL D 164 27.97 17.67 -22.31
N HIS D 165 27.95 16.34 -22.34
CA HIS D 165 28.07 15.52 -21.15
C HIS D 165 29.32 14.68 -21.18
N SER D 166 29.79 14.38 -22.38
CA SER D 166 30.99 13.56 -22.55
C SER D 166 32.25 14.29 -22.10
N GLY D 167 33.18 13.54 -21.52
CA GLY D 167 34.41 14.12 -20.99
C GLY D 167 34.18 15.26 -20.03
N VAL D 168 33.11 15.17 -19.25
CA VAL D 168 32.81 16.15 -18.23
C VAL D 168 32.93 15.48 -16.88
N CYS D 169 33.34 16.26 -15.89
CA CYS D 169 33.29 15.86 -14.50
C CYS D 169 33.18 17.10 -13.61
N THR D 170 32.19 17.09 -12.74
CA THR D 170 32.01 18.13 -11.73
C THR D 170 32.23 17.54 -10.34
N ASP D 171 32.82 18.34 -9.46
CA ASP D 171 32.89 18.00 -8.05
C ASP D 171 31.51 17.54 -7.53
N PRO D 172 31.48 16.45 -6.72
CA PRO D 172 30.21 15.95 -6.21
C PRO D 172 29.73 16.80 -5.06
N GLN D 173 30.69 17.35 -4.32
CA GLN D 173 30.37 18.23 -3.21
C GLN D 173 31.10 19.57 -3.35
N PRO D 174 30.36 20.67 -3.18
CA PRO D 174 30.97 22.00 -3.11
C PRO D 174 31.84 22.10 -1.86
N LEU D 175 32.99 22.76 -1.97
CA LEU D 175 33.87 22.92 -0.81
C LEU D 175 33.73 24.30 -0.16
N LYS D 176 33.88 24.35 1.16
CA LYS D 176 33.72 25.59 1.93
C LYS D 176 34.96 26.45 1.85
N GLU D 177 34.75 27.76 1.68
CA GLU D 177 35.85 28.70 1.47
C GLU D 177 36.54 29.06 2.80
N GLN D 178 35.75 29.13 3.87
CA GLN D 178 36.24 29.34 5.24
C GLN D 178 35.60 28.28 6.13
N PRO D 179 36.13 27.03 6.10
CA PRO D 179 35.49 25.90 6.82
C PRO D 179 35.16 26.18 8.30
N ALA D 180 36.03 26.96 8.96
CA ALA D 180 35.87 27.34 10.37
C ALA D 180 34.59 28.17 10.61
N LEU D 181 34.50 29.33 9.94
CA LEU D 181 33.37 30.26 10.07
C LEU D 181 32.07 29.61 9.61
N ASN D 182 30.96 30.03 10.21
CA ASN D 182 29.65 29.45 9.89
C ASN D 182 28.86 30.30 8.91
N ASP D 183 28.01 29.63 8.13
CA ASP D 183 27.31 30.26 7.01
C ASP D 183 28.30 30.59 5.87
N SER D 184 29.40 29.83 5.86
CA SER D 184 30.49 30.00 4.90
C SER D 184 30.02 29.85 3.45
N ARG D 185 30.65 30.62 2.58
CA ARG D 185 30.43 30.54 1.15
C ARG D 185 31.19 29.36 0.57
N TYR D 186 30.74 28.90 -0.59
CA TYR D 186 31.24 27.68 -1.21
C TYR D 186 31.99 27.94 -2.51
N SER D 187 32.82 26.97 -2.89
CA SER D 187 33.39 26.92 -4.24
C SER D 187 33.10 25.57 -4.90
N LEU D 188 33.30 25.51 -6.22
CA LEU D 188 32.99 24.34 -7.01
C LEU D 188 33.78 24.43 -8.29
N SER D 189 34.32 23.31 -8.74
CA SER D 189 35.10 23.28 -9.96
C SER D 189 34.56 22.19 -10.89
N SER D 190 34.80 22.33 -12.18
CA SER D 190 34.39 21.30 -13.12
C SER D 190 35.35 21.26 -14.32
N ARG D 191 35.36 20.13 -15.03
CA ARG D 191 36.33 19.93 -16.11
C ARG D 191 35.64 19.46 -17.37
N LEU D 192 36.18 19.90 -18.51
CA LEU D 192 35.75 19.41 -19.81
C LEU D 192 37.00 19.10 -20.65
N ARG D 193 37.20 17.82 -20.94
CA ARG D 193 38.33 17.39 -21.76
C ARG D 193 37.87 17.18 -23.18
N VAL D 194 38.64 17.70 -24.12
CA VAL D 194 38.37 17.52 -25.53
C VAL D 194 39.65 17.14 -26.30
N SER D 195 39.48 16.66 -27.54
CA SER D 195 40.62 16.42 -28.41
C SER D 195 41.23 17.78 -28.75
N ALA D 196 42.56 17.85 -28.75
CA ALA D 196 43.24 19.12 -28.95
C ALA D 196 42.78 19.84 -30.23
N THR D 197 42.54 19.10 -31.30
CA THR D 197 42.08 19.67 -32.56
C THR D 197 40.72 20.32 -32.38
N PHE D 198 39.92 19.80 -31.46
CA PHE D 198 38.60 20.35 -31.15
C PHE D 198 38.72 21.69 -30.43
N TRP D 199 39.68 21.80 -29.50
CA TRP D 199 39.99 23.07 -28.84
C TRP D 199 40.59 24.09 -29.77
N GLN D 200 41.41 23.61 -30.71
CA GLN D 200 42.14 24.47 -31.62
C GLN D 200 41.28 24.99 -32.76
N ASN D 201 39.99 24.71 -32.69
CA ASN D 201 39.04 25.12 -33.72
C ASN D 201 38.33 26.44 -33.38
N PRO D 202 38.70 27.53 -34.07
CA PRO D 202 38.17 28.87 -33.78
C PRO D 202 36.65 29.01 -33.89
N ARG D 203 36.00 28.11 -34.60
CA ARG D 203 34.54 28.19 -34.77
C ARG D 203 33.76 27.42 -33.68
N ASN D 204 34.47 27.03 -32.62
CA ASN D 204 33.88 26.36 -31.47
C ASN D 204 33.78 27.27 -30.27
N HIS D 205 32.54 27.50 -29.82
CA HIS D 205 32.29 28.38 -28.66
C HIS D 205 32.08 27.60 -27.40
N PHE D 206 32.93 27.85 -26.41
CA PHE D 206 32.87 27.13 -25.14
C PHE D 206 32.27 28.00 -24.06
N ARG D 207 31.35 27.41 -23.30
CA ARG D 207 30.72 28.13 -22.21
C ARG D 207 30.48 27.23 -21.02
N CYS D 208 30.88 27.72 -19.86
CA CYS D 208 30.57 27.11 -18.61
C CYS D 208 29.46 27.92 -18.00
N GLN D 209 28.41 27.27 -17.53
CA GLN D 209 27.22 27.94 -17.00
C GLN D 209 26.84 27.37 -15.65
N VAL D 210 26.69 28.26 -14.66
CA VAL D 210 26.15 27.85 -13.35
C VAL D 210 24.80 28.49 -13.15
N GLN D 211 23.80 27.63 -12.97
CA GLN D 211 22.45 28.05 -12.62
C GLN D 211 22.42 28.12 -11.11
N PHE D 212 22.33 29.34 -10.57
CA PHE D 212 22.38 29.52 -9.13
C PHE D 212 20.98 29.73 -8.59
N TYR D 213 20.63 29.02 -7.52
CA TYR D 213 19.30 29.15 -6.95
C TYR D 213 19.26 30.05 -5.72
N GLY D 214 18.63 31.20 -5.87
CA GLY D 214 18.60 32.16 -4.76
C GLY D 214 17.22 32.65 -4.42
N LEU D 215 17.11 33.95 -4.22
CA LEU D 215 15.87 34.59 -3.87
C LEU D 215 14.98 34.69 -5.09
N SER D 216 13.69 34.89 -4.82
CA SER D 216 12.68 35.17 -5.83
C SER D 216 12.51 36.67 -5.84
N GLU D 217 12.16 37.22 -7.00
CA GLU D 217 11.89 38.67 -7.11
C GLU D 217 10.80 39.17 -6.14
N ASN D 218 10.34 38.29 -5.24
CA ASN D 218 9.30 38.63 -4.27
C ASN D 218 9.75 38.53 -2.81
N ASP D 219 11.03 38.26 -2.57
CA ASP D 219 11.56 38.20 -1.21
C ASP D 219 12.04 39.59 -0.79
N GLU D 220 11.65 40.04 0.38
CA GLU D 220 12.07 41.37 0.89
C GLU D 220 13.57 41.40 1.13
N TRP D 221 14.24 42.47 0.70
CA TRP D 221 15.70 42.55 0.78
C TRP D 221 16.12 43.85 1.41
N THR D 222 16.71 43.76 2.59
CA THR D 222 17.07 44.95 3.38
C THR D 222 18.47 45.50 3.10
N GLN D 223 19.38 44.64 2.65
CA GLN D 223 20.80 45.04 2.51
C GLN D 223 21.08 45.94 1.31
N ASP D 224 22.33 46.41 1.23
CA ASP D 224 22.76 47.36 0.20
C ASP D 224 23.16 46.70 -1.11
N ARG D 225 23.80 45.53 -1.04
CA ARG D 225 24.20 44.77 -2.25
C ARG D 225 23.01 44.27 -3.05
N ALA D 226 23.23 44.06 -4.36
CA ALA D 226 22.22 43.56 -5.27
C ALA D 226 21.57 42.27 -4.78
N LYS D 227 20.25 42.24 -4.91
CA LYS D 227 19.40 41.17 -4.39
C LYS D 227 19.71 39.81 -5.03
N PRO D 228 20.32 38.89 -4.26
CA PRO D 228 20.91 37.64 -4.75
C PRO D 228 19.87 36.69 -5.35
N VAL D 229 19.30 37.08 -6.47
CA VAL D 229 18.22 36.33 -7.11
C VAL D 229 18.71 35.08 -7.84
N THR D 230 17.87 34.06 -7.88
CA THR D 230 18.02 32.97 -8.83
C THR D 230 18.43 33.54 -10.18
N GLN D 231 19.57 33.10 -10.69
CA GLN D 231 20.14 33.65 -11.90
C GLN D 231 21.13 32.69 -12.51
N ILE D 232 21.57 33.02 -13.73
CA ILE D 232 22.61 32.27 -14.42
C ILE D 232 23.85 33.13 -14.54
N VAL D 233 24.95 32.65 -13.97
CA VAL D 233 26.25 33.31 -14.12
C VAL D 233 27.11 32.38 -14.98
N SER D 234 27.71 32.91 -16.04
CA SER D 234 28.53 32.06 -16.90
C SER D 234 29.91 32.63 -17.28
N ALA D 235 30.67 31.87 -18.06
CA ALA D 235 31.99 32.28 -18.51
C ALA D 235 32.29 31.52 -19.79
N GLU D 236 33.12 32.12 -20.63
CA GLU D 236 33.08 31.80 -22.05
C GLU D 236 34.43 32.01 -22.74
N ALA D 237 34.73 31.16 -23.74
CA ALA D 237 35.94 31.30 -24.59
C ALA D 237 35.83 30.54 -25.90
N TRP D 238 36.49 31.05 -26.93
CA TRP D 238 36.49 30.40 -28.26
C TRP D 238 37.71 29.54 -28.42
N GLY D 239 37.62 28.57 -29.32
CA GLY D 239 38.77 27.77 -29.71
C GLY D 239 39.81 28.66 -30.38
N ARG D 240 41.07 28.26 -30.24
CA ARG D 240 42.21 29.00 -30.81
C ARG D 240 43.36 28.09 -31.25
N ALA D 241 43.97 28.42 -32.39
CA ALA D 241 45.13 27.68 -32.89
C ALA D 241 46.43 28.29 -32.38
#